data_2N9O
#
_entry.id   2N9O
#
loop_
_entity.id
_entity.type
_entity.pdbx_description
1 polymer 'E3 ubiquitin-protein ligase RNF126'
2 non-polymer 'ZINC ION'
#
_entity_poly.entity_id   1
_entity_poly.type   'polypeptide(L)'
_entity_poly.pdbx_seq_one_letter_code
;GSMAEASPHPGRYFCHCCSVEIVPRLPDYICPRCESGFIEEL
;
_entity_poly.pdbx_strand_id   A
#
loop_
_chem_comp.id
_chem_comp.type
_chem_comp.name
_chem_comp.formula
ZN non-polymer 'ZINC ION' 'Zn 2'
#
# COMPACT_ATOMS: atom_id res chain seq x y z
N GLY A 1 -5.60 17.29 -0.58
CA GLY A 1 -5.16 16.24 0.36
C GLY A 1 -4.92 14.92 -0.34
N SER A 2 -5.23 13.83 0.34
CA SER A 2 -5.01 12.51 -0.21
C SER A 2 -6.32 11.85 -0.66
N MET A 3 -7.40 12.62 -0.61
CA MET A 3 -8.68 12.14 -1.09
C MET A 3 -8.77 12.30 -2.60
N ALA A 4 -9.35 11.30 -3.25
CA ALA A 4 -9.45 11.25 -4.72
C ALA A 4 -8.07 11.09 -5.32
N GLU A 5 -7.22 10.40 -4.56
CA GLU A 5 -5.83 10.15 -4.95
C GLU A 5 -5.01 11.45 -4.90
N ALA A 6 -5.14 12.26 -5.96
CA ALA A 6 -4.42 13.53 -6.06
C ALA A 6 -2.89 13.32 -6.11
N SER A 7 -2.15 14.42 -6.06
CA SER A 7 -0.69 14.34 -6.12
C SER A 7 -0.11 13.77 -4.81
N PRO A 8 -0.45 14.34 -3.62
CA PRO A 8 -0.01 13.77 -2.34
C PRO A 8 -0.83 12.53 -1.97
N HIS A 9 -0.97 11.64 -2.94
CA HIS A 9 -1.79 10.45 -2.82
C HIS A 9 -1.19 9.46 -1.81
N PRO A 10 -2.00 8.54 -1.28
CA PRO A 10 -1.54 7.55 -0.31
C PRO A 10 -0.53 6.58 -0.90
N GLY A 11 0.15 5.85 -0.03
CA GLY A 11 1.17 4.92 -0.48
C GLY A 11 1.68 4.08 0.67
N ARG A 12 1.76 4.69 1.84
CA ARG A 12 2.13 3.99 3.06
C ARG A 12 1.08 2.96 3.43
N TYR A 13 1.38 1.70 3.20
CA TYR A 13 0.47 0.63 3.57
C TYR A 13 1.08 -0.23 4.66
N PHE A 14 0.26 -1.00 5.31
CA PHE A 14 0.73 -1.89 6.34
C PHE A 14 0.19 -3.30 6.10
N CYS A 15 1.09 -4.19 5.72
CA CYS A 15 0.70 -5.56 5.40
C CYS A 15 0.42 -6.35 6.67
N HIS A 16 -0.70 -7.05 6.69
CA HIS A 16 -1.09 -7.86 7.83
C HIS A 16 -0.27 -9.15 7.90
N CYS A 17 0.15 -9.62 6.74
CA CYS A 17 0.92 -10.86 6.67
C CYS A 17 2.35 -10.61 7.15
N CYS A 18 2.96 -9.53 6.66
CA CYS A 18 4.34 -9.21 7.02
C CYS A 18 4.41 -8.39 8.30
N SER A 19 3.26 -7.80 8.64
CA SER A 19 3.11 -6.87 9.78
C SER A 19 4.17 -5.76 9.72
N VAL A 20 4.39 -5.24 8.52
CA VAL A 20 5.33 -4.14 8.30
C VAL A 20 4.72 -3.12 7.35
N GLU A 21 5.34 -1.95 7.29
CA GLU A 21 4.87 -0.90 6.41
C GLU A 21 5.45 -1.13 5.00
N ILE A 22 4.59 -1.06 4.00
CA ILE A 22 4.97 -1.38 2.64
C ILE A 22 4.44 -0.35 1.65
N VAL A 23 4.92 -0.45 0.43
CA VAL A 23 4.36 0.28 -0.69
C VAL A 23 3.86 -0.74 -1.72
N PRO A 24 2.53 -0.85 -1.88
CA PRO A 24 1.91 -1.89 -2.69
C PRO A 24 2.25 -1.77 -4.17
N ARG A 25 2.27 -2.91 -4.85
CA ARG A 25 2.34 -2.92 -6.29
C ARG A 25 0.98 -2.48 -6.81
N LEU A 26 0.89 -1.22 -7.20
CA LEU A 26 -0.40 -0.59 -7.51
C LEU A 26 -1.20 -1.33 -8.59
N PRO A 27 -0.58 -1.81 -9.69
CA PRO A 27 -1.28 -2.60 -10.71
C PRO A 27 -1.97 -3.85 -10.14
N ASP A 28 -1.49 -4.33 -9.00
CA ASP A 28 -2.02 -5.56 -8.41
C ASP A 28 -2.70 -5.29 -7.06
N TYR A 29 -2.30 -4.17 -6.44
CA TYR A 29 -2.73 -3.80 -5.09
C TYR A 29 -2.36 -4.87 -4.07
N ILE A 30 -1.18 -5.44 -4.22
CA ILE A 30 -0.70 -6.45 -3.29
C ILE A 30 0.52 -5.98 -2.52
N CYS A 31 1.11 -6.91 -1.79
CA CYS A 31 2.30 -6.65 -1.00
C CYS A 31 3.53 -6.89 -1.86
N PRO A 32 4.57 -6.05 -1.71
CA PRO A 32 5.80 -6.20 -2.47
C PRO A 32 6.68 -7.29 -1.86
N ARG A 33 6.30 -7.75 -0.68
CA ARG A 33 7.05 -8.76 0.03
C ARG A 33 6.39 -10.13 -0.10
N CYS A 34 5.09 -10.23 0.18
CA CYS A 34 4.45 -11.55 0.20
C CYS A 34 3.38 -11.69 -0.88
N GLU A 35 3.06 -10.57 -1.55
CA GLU A 35 2.13 -10.57 -2.69
C GLU A 35 0.76 -11.10 -2.28
N SER A 36 0.34 -10.75 -1.07
CA SER A 36 -0.89 -11.28 -0.51
C SER A 36 -2.10 -10.39 -0.81
N GLY A 37 -2.03 -9.13 -0.42
CA GLY A 37 -3.14 -8.23 -0.62
C GLY A 37 -3.68 -7.69 0.69
N PHE A 38 -3.46 -8.45 1.76
CA PHE A 38 -3.83 -8.04 3.11
C PHE A 38 -3.00 -6.85 3.58
N ILE A 39 -3.41 -5.64 3.22
CA ILE A 39 -2.67 -4.45 3.56
C ILE A 39 -3.61 -3.34 4.01
N GLU A 40 -3.09 -2.44 4.83
CA GLU A 40 -3.86 -1.33 5.34
C GLU A 40 -3.34 -0.01 4.82
N GLU A 41 -4.21 0.79 4.25
CA GLU A 41 -3.86 2.10 3.76
C GLU A 41 -3.82 3.07 4.93
N LEU A 42 -2.62 3.48 5.32
CA LEU A 42 -2.42 4.27 6.53
C LEU A 42 -2.77 5.74 6.33
ZN ZN B . 3.22 -8.90 3.06
N GLY A 1 3.48 22.24 -2.59
CA GLY A 1 4.48 21.22 -2.98
C GLY A 1 4.35 20.86 -4.45
N SER A 2 4.29 19.57 -4.75
CA SER A 2 4.15 19.11 -6.12
C SER A 2 3.11 18.00 -6.22
N MET A 3 1.83 18.39 -6.25
CA MET A 3 0.72 17.46 -6.44
C MET A 3 0.65 16.42 -5.32
N ALA A 4 0.87 16.87 -4.09
CA ALA A 4 0.83 15.97 -2.94
C ALA A 4 -0.53 16.09 -2.26
N GLU A 5 -1.09 17.28 -2.34
CA GLU A 5 -2.42 17.53 -1.82
C GLU A 5 -3.45 17.45 -2.94
N ALA A 6 -3.04 17.85 -4.13
CA ALA A 6 -3.89 17.77 -5.31
C ALA A 6 -4.11 16.32 -5.70
N SER A 7 -5.34 15.85 -5.51
CA SER A 7 -5.69 14.45 -5.74
C SER A 7 -4.89 13.54 -4.80
N PRO A 8 -5.38 13.36 -3.57
CA PRO A 8 -4.74 12.51 -2.58
C PRO A 8 -4.47 11.11 -3.12
N HIS A 9 -3.33 10.56 -2.76
CA HIS A 9 -2.91 9.28 -3.30
C HIS A 9 -2.23 8.44 -2.22
N PRO A 10 -2.60 7.17 -2.11
CA PRO A 10 -2.07 6.27 -1.11
C PRO A 10 -0.74 5.66 -1.54
N GLY A 11 0.00 5.15 -0.57
CA GLY A 11 1.29 4.54 -0.86
C GLY A 11 1.85 3.85 0.36
N ARG A 12 1.58 4.44 1.51
CA ARG A 12 1.95 3.85 2.77
C ARG A 12 0.89 2.84 3.20
N TYR A 13 1.25 1.58 3.12
CA TYR A 13 0.35 0.50 3.53
C TYR A 13 0.97 -0.30 4.64
N PHE A 14 0.15 -1.05 5.34
CA PHE A 14 0.64 -1.94 6.36
C PHE A 14 0.15 -3.36 6.09
N CYS A 15 1.06 -4.23 5.73
CA CYS A 15 0.71 -5.60 5.41
C CYS A 15 0.43 -6.38 6.69
N HIS A 16 -0.67 -7.12 6.69
CA HIS A 16 -1.03 -7.94 7.83
C HIS A 16 -0.35 -9.31 7.76
N CYS A 17 0.15 -9.63 6.58
CA CYS A 17 0.85 -10.89 6.36
C CYS A 17 2.32 -10.76 6.72
N CYS A 18 2.86 -9.56 6.60
CA CYS A 18 4.25 -9.30 6.96
C CYS A 18 4.35 -8.48 8.24
N SER A 19 3.21 -7.91 8.63
CA SER A 19 3.09 -6.99 9.77
C SER A 19 4.10 -5.85 9.69
N VAL A 20 4.27 -5.30 8.49
CA VAL A 20 5.20 -4.21 8.27
C VAL A 20 4.59 -3.18 7.31
N GLU A 21 5.19 -2.02 7.27
CA GLU A 21 4.72 -0.95 6.41
C GLU A 21 5.37 -1.09 5.03
N ILE A 22 4.53 -1.08 3.99
CA ILE A 22 4.96 -1.37 2.64
C ILE A 22 4.44 -0.35 1.65
N VAL A 23 5.00 -0.39 0.45
CA VAL A 23 4.48 0.35 -0.68
C VAL A 23 4.02 -0.66 -1.75
N PRO A 24 2.69 -0.84 -1.87
CA PRO A 24 2.10 -1.90 -2.69
C PRO A 24 2.41 -1.80 -4.17
N ARG A 25 2.38 -2.93 -4.83
CA ARG A 25 2.46 -2.97 -6.28
C ARG A 25 1.11 -2.55 -6.82
N LEU A 26 1.03 -1.29 -7.24
CA LEU A 26 -0.24 -0.62 -7.49
C LEU A 26 -1.18 -1.37 -8.45
N PRO A 27 -0.69 -1.87 -9.61
CA PRO A 27 -1.54 -2.59 -10.57
C PRO A 27 -2.28 -3.78 -9.94
N ASP A 28 -1.71 -4.34 -8.88
CA ASP A 28 -2.30 -5.49 -8.21
C ASP A 28 -2.80 -5.13 -6.81
N TYR A 29 -2.31 -3.99 -6.31
CA TYR A 29 -2.58 -3.54 -4.95
C TYR A 29 -2.17 -4.58 -3.92
N ILE A 30 -1.08 -5.28 -4.18
CA ILE A 30 -0.62 -6.32 -3.26
C ILE A 30 0.63 -5.90 -2.53
N CYS A 31 1.20 -6.85 -1.80
CA CYS A 31 2.40 -6.64 -1.03
C CYS A 31 3.60 -6.91 -1.90
N PRO A 32 4.68 -6.15 -1.76
CA PRO A 32 5.90 -6.34 -2.53
C PRO A 32 6.76 -7.43 -1.88
N ARG A 33 6.31 -7.87 -0.71
CA ARG A 33 7.03 -8.85 0.05
C ARG A 33 6.40 -10.23 -0.06
N CYS A 34 5.09 -10.32 0.18
CA CYS A 34 4.42 -11.61 0.20
C CYS A 34 3.38 -11.77 -0.91
N GLU A 35 3.07 -10.64 -1.59
CA GLU A 35 2.14 -10.64 -2.72
C GLU A 35 0.76 -11.19 -2.32
N SER A 36 0.33 -10.85 -1.11
CA SER A 36 -0.90 -11.40 -0.57
C SER A 36 -2.09 -10.50 -0.85
N GLY A 37 -2.01 -9.25 -0.40
CA GLY A 37 -3.11 -8.33 -0.58
C GLY A 37 -3.64 -7.80 0.73
N PHE A 38 -3.43 -8.56 1.80
CA PHE A 38 -3.80 -8.13 3.15
C PHE A 38 -2.96 -6.95 3.60
N ILE A 39 -3.36 -5.76 3.21
CA ILE A 39 -2.63 -4.55 3.54
C ILE A 39 -3.59 -3.43 3.95
N GLU A 40 -3.12 -2.55 4.82
CA GLU A 40 -3.95 -1.47 5.32
C GLU A 40 -3.42 -0.13 4.83
N GLU A 41 -4.27 0.62 4.16
CA GLU A 41 -3.92 1.93 3.62
C GLU A 41 -3.85 2.94 4.75
N LEU A 42 -2.62 3.29 5.14
CA LEU A 42 -2.39 4.13 6.31
C LEU A 42 -2.80 5.57 6.05
ZN ZN B . 3.21 -8.91 3.02
N GLY A 1 -6.03 15.30 4.14
CA GLY A 1 -6.98 16.24 3.49
C GLY A 1 -7.33 15.80 2.07
N SER A 2 -8.23 16.53 1.42
CA SER A 2 -8.64 16.22 0.06
C SER A 2 -9.15 17.47 -0.64
N MET A 3 -9.67 17.30 -1.86
CA MET A 3 -10.23 18.38 -2.66
C MET A 3 -9.16 19.37 -3.13
N ALA A 4 -8.80 20.30 -2.27
CA ALA A 4 -7.82 21.31 -2.62
C ALA A 4 -6.45 20.89 -2.13
N GLU A 5 -6.44 19.90 -1.26
CA GLU A 5 -5.22 19.35 -0.72
C GLU A 5 -4.62 18.35 -1.71
N ALA A 6 -3.34 18.04 -1.54
CA ALA A 6 -2.65 17.08 -2.39
C ALA A 6 -3.39 15.75 -2.40
N SER A 7 -3.56 15.20 -3.59
CA SER A 7 -4.31 13.97 -3.81
C SER A 7 -3.83 12.83 -2.92
N PRO A 8 -4.69 12.34 -2.03
CA PRO A 8 -4.38 11.22 -1.14
C PRO A 8 -4.28 9.89 -1.91
N HIS A 9 -3.26 9.79 -2.74
CA HIS A 9 -3.01 8.57 -3.48
C HIS A 9 -2.40 7.52 -2.55
N PRO A 10 -2.96 6.31 -2.54
CA PRO A 10 -2.48 5.23 -1.66
C PRO A 10 -1.03 4.87 -1.92
N GLY A 11 -0.19 5.01 -0.90
CA GLY A 11 1.21 4.70 -1.06
C GLY A 11 1.76 4.01 0.17
N ARG A 12 1.47 4.59 1.33
CA ARG A 12 1.84 3.99 2.59
C ARG A 12 0.79 2.95 3.02
N TYR A 13 1.20 1.70 3.04
CA TYR A 13 0.33 0.62 3.49
C TYR A 13 0.99 -0.15 4.60
N PHE A 14 0.20 -0.96 5.28
CA PHE A 14 0.71 -1.82 6.31
C PHE A 14 0.22 -3.24 6.06
N CYS A 15 1.12 -4.12 5.70
CA CYS A 15 0.76 -5.49 5.40
C CYS A 15 0.45 -6.25 6.68
N HIS A 16 -0.64 -6.98 6.68
CA HIS A 16 -1.05 -7.77 7.84
C HIS A 16 -0.41 -9.16 7.79
N CYS A 17 0.13 -9.49 6.64
CA CYS A 17 0.82 -10.76 6.44
C CYS A 17 2.29 -10.64 6.87
N CYS A 18 2.85 -9.44 6.66
CA CYS A 18 4.23 -9.18 7.02
C CYS A 18 4.33 -8.35 8.30
N SER A 19 3.19 -7.78 8.69
CA SER A 19 3.06 -6.85 9.81
C SER A 19 4.10 -5.71 9.73
N VAL A 20 4.33 -5.22 8.52
CA VAL A 20 5.27 -4.13 8.30
C VAL A 20 4.68 -3.12 7.34
N GLU A 21 5.29 -1.94 7.32
CA GLU A 21 4.83 -0.86 6.46
C GLU A 21 5.41 -1.07 5.06
N ILE A 22 4.54 -1.03 4.05
CA ILE A 22 4.93 -1.33 2.68
C ILE A 22 4.39 -0.31 1.71
N VAL A 23 4.90 -0.38 0.49
CA VAL A 23 4.34 0.34 -0.63
C VAL A 23 3.86 -0.68 -1.67
N PRO A 24 2.54 -0.80 -1.84
CA PRO A 24 1.93 -1.85 -2.67
C PRO A 24 2.28 -1.74 -4.13
N ARG A 25 2.32 -2.88 -4.80
CA ARG A 25 2.41 -2.90 -6.24
C ARG A 25 1.05 -2.49 -6.79
N LEU A 26 0.94 -1.23 -7.18
CA LEU A 26 -0.36 -0.60 -7.43
C LEU A 26 -1.25 -1.35 -8.43
N PRO A 27 -0.73 -1.79 -9.59
CA PRO A 27 -1.52 -2.54 -10.57
C PRO A 27 -2.16 -3.82 -10.00
N ASP A 28 -1.57 -4.36 -8.95
CA ASP A 28 -2.09 -5.58 -8.32
C ASP A 28 -2.69 -5.30 -6.95
N TYR A 29 -2.29 -4.16 -6.38
CA TYR A 29 -2.67 -3.76 -5.02
C TYR A 29 -2.29 -4.82 -4.01
N ILE A 30 -1.11 -5.40 -4.18
CA ILE A 30 -0.63 -6.40 -3.25
C ILE A 30 0.62 -5.94 -2.52
N CYS A 31 1.20 -6.86 -1.78
CA CYS A 31 2.39 -6.60 -1.00
C CYS A 31 3.62 -6.85 -1.86
N PRO A 32 4.65 -6.01 -1.72
CA PRO A 32 5.89 -6.18 -2.48
C PRO A 32 6.72 -7.30 -1.89
N ARG A 33 6.39 -7.68 -0.66
CA ARG A 33 7.11 -8.72 0.04
C ARG A 33 6.45 -10.08 -0.12
N CYS A 34 5.15 -10.17 0.15
CA CYS A 34 4.50 -11.48 0.16
C CYS A 34 3.44 -11.63 -0.93
N GLU A 35 3.11 -10.51 -1.59
CA GLU A 35 2.19 -10.52 -2.74
C GLU A 35 0.81 -11.07 -2.35
N SER A 36 0.43 -10.81 -1.10
CA SER A 36 -0.77 -11.40 -0.54
C SER A 36 -2.00 -10.53 -0.79
N GLY A 37 -1.94 -9.28 -0.35
CA GLY A 37 -3.04 -8.38 -0.57
C GLY A 37 -3.60 -7.84 0.73
N PHE A 38 -3.36 -8.55 1.82
CA PHE A 38 -3.76 -8.07 3.14
C PHE A 38 -2.90 -6.90 3.58
N ILE A 39 -3.30 -5.71 3.17
CA ILE A 39 -2.57 -4.50 3.48
C ILE A 39 -3.51 -3.38 3.87
N GLU A 40 -3.07 -2.54 4.77
CA GLU A 40 -3.91 -1.48 5.30
C GLU A 40 -3.41 -0.11 4.86
N GLU A 41 -4.25 0.60 4.12
CA GLU A 41 -3.94 1.95 3.65
C GLU A 41 -3.95 2.89 4.85
N LEU A 42 -2.78 3.41 5.18
CA LEU A 42 -2.62 4.22 6.38
C LEU A 42 -3.11 5.65 6.16
ZN ZN B . 3.24 -8.84 3.06
N GLY A 1 4.74 26.21 -9.15
CA GLY A 1 5.37 25.18 -8.31
C GLY A 1 4.63 23.86 -8.36
N SER A 2 3.74 23.64 -7.42
CA SER A 2 2.95 22.43 -7.37
C SER A 2 1.63 22.68 -6.65
N MET A 3 0.54 22.21 -7.25
CA MET A 3 -0.78 22.33 -6.64
C MET A 3 -1.02 21.14 -5.71
N ALA A 4 -1.47 21.43 -4.50
CA ALA A 4 -1.67 20.38 -3.50
C ALA A 4 -3.09 19.86 -3.56
N GLU A 5 -3.83 20.32 -4.56
CA GLU A 5 -5.20 19.86 -4.77
C GLU A 5 -5.22 18.39 -5.13
N ALA A 6 -4.25 17.98 -5.94
CA ALA A 6 -4.14 16.60 -6.37
C ALA A 6 -3.44 15.76 -5.32
N SER A 7 -4.08 14.68 -4.92
CA SER A 7 -3.48 13.76 -3.97
C SER A 7 -2.51 12.81 -4.68
N PRO A 8 -1.31 12.62 -4.13
CA PRO A 8 -0.28 11.77 -4.73
C PRO A 8 -0.58 10.28 -4.60
N HIS A 9 -1.81 9.96 -4.20
CA HIS A 9 -2.28 8.58 -4.07
C HIS A 9 -1.64 7.89 -2.86
N PRO A 10 -2.42 7.07 -2.14
CA PRO A 10 -1.94 6.38 -0.94
C PRO A 10 -0.78 5.45 -1.24
N GLY A 11 0.22 5.46 -0.37
CA GLY A 11 1.43 4.70 -0.62
C GLY A 11 1.90 3.96 0.62
N ARG A 12 1.75 4.61 1.76
CA ARG A 12 2.07 3.99 3.03
C ARG A 12 1.00 2.99 3.42
N TYR A 13 1.31 1.71 3.25
CA TYR A 13 0.40 0.65 3.65
C TYR A 13 1.03 -0.20 4.73
N PHE A 14 0.21 -1.00 5.37
CA PHE A 14 0.69 -1.92 6.38
C PHE A 14 0.19 -3.32 6.09
N CYS A 15 1.10 -4.21 5.72
CA CYS A 15 0.73 -5.56 5.38
C CYS A 15 0.50 -6.37 6.65
N HIS A 16 -0.61 -7.10 6.67
CA HIS A 16 -0.95 -7.94 7.81
C HIS A 16 -0.22 -9.28 7.74
N CYS A 17 0.26 -9.60 6.56
CA CYS A 17 0.97 -10.85 6.32
C CYS A 17 2.45 -10.72 6.66
N CYS A 18 2.95 -9.49 6.59
CA CYS A 18 4.34 -9.20 6.92
C CYS A 18 4.46 -8.40 8.21
N SER A 19 3.32 -7.83 8.62
CA SER A 19 3.22 -6.90 9.75
C SER A 19 4.24 -5.78 9.64
N VAL A 20 4.40 -5.24 8.43
CA VAL A 20 5.33 -4.14 8.19
C VAL A 20 4.69 -3.13 7.26
N GLU A 21 5.28 -1.95 7.21
CA GLU A 21 4.80 -0.88 6.37
C GLU A 21 5.37 -1.03 4.96
N ILE A 22 4.51 -1.01 3.97
CA ILE A 22 4.88 -1.30 2.59
C ILE A 22 4.33 -0.26 1.63
N VAL A 23 4.83 -0.32 0.41
CA VAL A 23 4.25 0.40 -0.71
C VAL A 23 3.74 -0.62 -1.72
N PRO A 24 2.41 -0.74 -1.87
CA PRO A 24 1.79 -1.81 -2.67
C PRO A 24 2.18 -1.79 -4.13
N ARG A 25 2.26 -2.98 -4.72
CA ARG A 25 2.44 -3.11 -6.15
C ARG A 25 1.14 -2.73 -6.83
N LEU A 26 1.11 -1.52 -7.36
CA LEU A 26 -0.13 -0.86 -7.78
C LEU A 26 -1.02 -1.68 -8.73
N PRO A 27 -0.46 -2.31 -9.79
CA PRO A 27 -1.27 -3.10 -10.72
C PRO A 27 -2.18 -4.12 -10.04
N ASP A 28 -1.66 -4.80 -9.03
CA ASP A 28 -2.43 -5.82 -8.32
C ASP A 28 -2.89 -5.33 -6.94
N TYR A 29 -2.33 -4.19 -6.53
CA TYR A 29 -2.60 -3.62 -5.21
C TYR A 29 -2.26 -4.60 -4.09
N ILE A 30 -1.17 -5.33 -4.27
CA ILE A 30 -0.75 -6.32 -3.29
C ILE A 30 0.49 -5.88 -2.55
N CYS A 31 1.07 -6.82 -1.83
CA CYS A 31 2.28 -6.58 -1.06
C CYS A 31 3.48 -6.83 -1.96
N PRO A 32 4.53 -6.01 -1.82
CA PRO A 32 5.74 -6.17 -2.61
C PRO A 32 6.62 -7.26 -2.02
N ARG A 33 6.26 -7.68 -0.81
CA ARG A 33 7.00 -8.67 -0.07
C ARG A 33 6.39 -10.06 -0.20
N CYS A 34 5.08 -10.17 0.06
CA CYS A 34 4.46 -11.49 0.07
C CYS A 34 3.38 -11.63 -1.00
N GLU A 35 3.06 -10.52 -1.67
CA GLU A 35 2.11 -10.51 -2.80
C GLU A 35 0.75 -11.07 -2.39
N SER A 36 0.35 -10.81 -1.15
CA SER A 36 -0.88 -11.36 -0.62
C SER A 36 -2.07 -10.44 -0.88
N GLY A 37 -1.98 -9.20 -0.42
CA GLY A 37 -3.06 -8.26 -0.62
C GLY A 37 -3.59 -7.73 0.69
N PHE A 38 -3.37 -8.49 1.76
CA PHE A 38 -3.77 -8.08 3.10
C PHE A 38 -2.94 -6.88 3.58
N ILE A 39 -3.38 -5.69 3.23
CA ILE A 39 -2.67 -4.47 3.59
C ILE A 39 -3.64 -3.39 4.03
N GLU A 40 -3.18 -2.54 4.94
CA GLU A 40 -4.00 -1.45 5.45
C GLU A 40 -3.42 -0.11 5.02
N GLU A 41 -4.27 0.73 4.48
CA GLU A 41 -3.89 2.07 4.08
C GLU A 41 -3.83 2.95 5.32
N LEU A 42 -2.66 3.50 5.57
CA LEU A 42 -2.41 4.24 6.81
C LEU A 42 -2.81 5.71 6.68
ZN ZN B . 3.23 -8.86 2.96
N GLY A 1 5.52 7.82 -5.59
CA GLY A 1 5.83 8.46 -4.29
C GLY A 1 4.70 9.32 -3.78
N SER A 2 4.98 10.17 -2.80
CA SER A 2 3.98 11.06 -2.23
C SER A 2 3.74 12.25 -3.14
N MET A 3 2.57 12.28 -3.77
CA MET A 3 2.21 13.36 -4.67
C MET A 3 0.79 13.86 -4.39
N ALA A 4 0.65 14.71 -3.39
CA ALA A 4 -0.65 15.29 -3.05
C ALA A 4 -0.76 16.69 -3.61
N GLU A 5 0.12 17.01 -4.55
CA GLU A 5 0.20 18.35 -5.12
C GLU A 5 -0.91 18.61 -6.14
N ALA A 6 -1.37 17.55 -6.78
CA ALA A 6 -2.44 17.65 -7.76
C ALA A 6 -3.29 16.39 -7.78
N SER A 7 -2.63 15.24 -7.74
CA SER A 7 -3.32 13.97 -7.79
C SER A 7 -2.87 13.06 -6.64
N PRO A 8 -3.46 13.25 -5.45
CA PRO A 8 -3.12 12.47 -4.26
C PRO A 8 -3.58 11.02 -4.38
N HIS A 9 -2.73 10.09 -3.96
CA HIS A 9 -3.05 8.68 -4.04
C HIS A 9 -2.52 7.96 -2.81
N PRO A 10 -3.11 6.82 -2.45
CA PRO A 10 -2.62 5.99 -1.36
C PRO A 10 -1.31 5.31 -1.74
N GLY A 11 -0.44 5.10 -0.76
CA GLY A 11 0.85 4.51 -1.04
C GLY A 11 1.46 3.86 0.18
N ARG A 12 1.29 4.50 1.33
CA ARG A 12 1.76 3.95 2.58
C ARG A 12 0.78 2.90 3.11
N TYR A 13 1.21 1.66 3.12
CA TYR A 13 0.36 0.57 3.56
C TYR A 13 1.02 -0.23 4.65
N PHE A 14 0.23 -1.02 5.33
CA PHE A 14 0.72 -1.91 6.36
C PHE A 14 0.20 -3.32 6.11
N CYS A 15 1.10 -4.22 5.75
CA CYS A 15 0.72 -5.59 5.44
C CYS A 15 0.45 -6.36 6.73
N HIS A 16 -0.65 -7.10 6.75
CA HIS A 16 -1.00 -7.94 7.87
C HIS A 16 -0.21 -9.23 7.84
N CYS A 17 0.06 -9.70 6.64
CA CYS A 17 0.80 -10.92 6.42
C CYS A 17 2.26 -10.78 6.86
N CYS A 18 2.83 -9.60 6.61
CA CYS A 18 4.22 -9.34 6.98
C CYS A 18 4.29 -8.54 8.28
N SER A 19 3.15 -7.96 8.65
CA SER A 19 3.03 -7.04 9.80
C SER A 19 4.07 -5.92 9.74
N VAL A 20 4.31 -5.40 8.55
CA VAL A 20 5.25 -4.30 8.35
C VAL A 20 4.68 -3.28 7.39
N GLU A 21 5.30 -2.11 7.38
CA GLU A 21 4.87 -1.03 6.50
C GLU A 21 5.43 -1.24 5.11
N ILE A 22 4.56 -1.13 4.10
CA ILE A 22 4.92 -1.43 2.72
C ILE A 22 4.38 -0.38 1.76
N VAL A 23 4.86 -0.46 0.54
CA VAL A 23 4.29 0.27 -0.58
C VAL A 23 3.81 -0.74 -1.62
N PRO A 24 2.49 -0.85 -1.81
CA PRO A 24 1.89 -1.90 -2.66
C PRO A 24 2.25 -1.78 -4.12
N ARG A 25 2.24 -2.91 -4.80
CA ARG A 25 2.36 -2.92 -6.25
C ARG A 25 1.01 -2.53 -6.83
N LEU A 26 0.91 -1.27 -7.22
CA LEU A 26 -0.36 -0.61 -7.53
C LEU A 26 -1.26 -1.38 -8.51
N PRO A 27 -0.72 -1.92 -9.64
CA PRO A 27 -1.54 -2.68 -10.59
C PRO A 27 -2.30 -3.85 -9.94
N ASP A 28 -1.72 -4.42 -8.91
CA ASP A 28 -2.34 -5.58 -8.24
C ASP A 28 -2.80 -5.25 -6.83
N TYR A 29 -2.33 -4.11 -6.33
CA TYR A 29 -2.56 -3.67 -4.96
C TYR A 29 -2.13 -4.74 -3.95
N ILE A 30 -1.06 -5.45 -4.26
CA ILE A 30 -0.55 -6.47 -3.37
C ILE A 30 0.69 -6.02 -2.63
N CYS A 31 1.24 -6.93 -1.87
CA CYS A 31 2.42 -6.67 -1.05
C CYS A 31 3.67 -6.93 -1.86
N PRO A 32 4.71 -6.12 -1.67
CA PRO A 32 5.97 -6.31 -2.37
C PRO A 32 6.80 -7.40 -1.71
N ARG A 33 6.38 -7.79 -0.51
CA ARG A 33 7.08 -8.79 0.25
C ARG A 33 6.44 -10.17 0.11
N CYS A 34 5.11 -10.24 0.17
CA CYS A 34 4.45 -11.54 0.15
C CYS A 34 3.41 -11.67 -0.97
N GLU A 35 3.11 -10.55 -1.64
CA GLU A 35 2.21 -10.53 -2.78
C GLU A 35 0.82 -11.04 -2.40
N SER A 36 0.41 -10.76 -1.18
CA SER A 36 -0.85 -11.29 -0.65
C SER A 36 -2.01 -10.33 -0.87
N GLY A 37 -1.89 -9.11 -0.37
CA GLY A 37 -2.93 -8.13 -0.57
C GLY A 37 -3.57 -7.70 0.72
N PHE A 38 -3.33 -8.45 1.79
CA PHE A 38 -3.82 -8.07 3.12
C PHE A 38 -3.01 -6.90 3.66
N ILE A 39 -3.40 -5.69 3.27
CA ILE A 39 -2.65 -4.50 3.62
C ILE A 39 -3.59 -3.38 4.05
N GLU A 40 -3.10 -2.52 4.93
CA GLU A 40 -3.90 -1.41 5.44
C GLU A 40 -3.35 -0.08 4.97
N GLU A 41 -4.19 0.71 4.31
CA GLU A 41 -3.84 2.03 3.86
C GLU A 41 -3.80 2.97 5.06
N LEU A 42 -2.63 3.50 5.33
CA LEU A 42 -2.40 4.31 6.53
C LEU A 42 -2.92 5.73 6.35
ZN ZN B . 3.18 -8.92 3.03
N GLY A 1 -5.70 25.96 8.59
CA GLY A 1 -6.25 26.45 7.30
C GLY A 1 -5.20 26.46 6.21
N SER A 2 -4.61 25.30 5.95
CA SER A 2 -3.57 25.18 4.94
C SER A 2 -3.78 23.92 4.11
N MET A 3 -4.47 24.08 3.00
CA MET A 3 -4.75 22.96 2.11
C MET A 3 -3.54 22.69 1.21
N ALA A 4 -2.59 21.94 1.75
CA ALA A 4 -1.37 21.64 1.02
C ALA A 4 -1.49 20.29 0.36
N GLU A 5 -2.31 19.44 0.95
CA GLU A 5 -2.61 18.16 0.39
C GLU A 5 -4.12 17.98 0.27
N ALA A 6 -4.62 18.12 -0.95
CA ALA A 6 -6.05 18.00 -1.20
C ALA A 6 -6.35 16.65 -1.86
N SER A 7 -5.32 15.85 -2.06
CA SER A 7 -5.49 14.54 -2.67
C SER A 7 -4.86 13.46 -1.79
N PRO A 8 -5.67 12.84 -0.92
CA PRO A 8 -5.21 11.75 -0.04
C PRO A 8 -4.73 10.54 -0.82
N HIS A 9 -3.47 10.58 -1.24
CA HIS A 9 -2.90 9.54 -2.07
C HIS A 9 -2.40 8.38 -1.23
N PRO A 10 -2.70 7.14 -1.64
CA PRO A 10 -2.28 5.95 -0.93
C PRO A 10 -0.86 5.53 -1.30
N GLY A 11 -0.01 5.39 -0.30
CA GLY A 11 1.36 4.97 -0.53
C GLY A 11 1.87 4.12 0.61
N ARG A 12 1.81 4.69 1.80
CA ARG A 12 2.17 3.95 3.01
C ARG A 12 1.08 2.95 3.37
N TYR A 13 1.39 1.68 3.23
CA TYR A 13 0.48 0.62 3.61
C TYR A 13 1.08 -0.25 4.70
N PHE A 14 0.25 -1.04 5.34
CA PHE A 14 0.72 -1.95 6.36
C PHE A 14 0.19 -3.35 6.08
N CYS A 15 1.08 -4.27 5.78
CA CYS A 15 0.69 -5.63 5.45
C CYS A 15 0.41 -6.44 6.72
N HIS A 16 -0.68 -7.18 6.70
CA HIS A 16 -1.09 -8.00 7.83
C HIS A 16 -0.24 -9.27 7.94
N CYS A 17 0.26 -9.74 6.81
CA CYS A 17 1.07 -10.94 6.79
C CYS A 17 2.50 -10.64 7.23
N CYS A 18 3.05 -9.56 6.69
CA CYS A 18 4.44 -9.19 6.98
C CYS A 18 4.52 -8.35 8.25
N SER A 19 3.39 -7.77 8.63
CA SER A 19 3.27 -6.84 9.76
C SER A 19 4.30 -5.70 9.66
N VAL A 20 4.51 -5.22 8.44
CA VAL A 20 5.42 -4.12 8.20
C VAL A 20 4.78 -3.10 7.28
N GLU A 21 5.36 -1.92 7.23
CA GLU A 21 4.88 -0.87 6.38
C GLU A 21 5.45 -1.07 4.97
N ILE A 22 4.57 -1.08 3.97
CA ILE A 22 4.96 -1.40 2.61
C ILE A 22 4.44 -0.37 1.63
N VAL A 23 4.96 -0.46 0.42
CA VAL A 23 4.40 0.24 -0.72
C VAL A 23 3.89 -0.80 -1.72
N PRO A 24 2.56 -0.92 -1.85
CA PRO A 24 1.92 -1.97 -2.64
C PRO A 24 2.29 -1.92 -4.11
N ARG A 25 2.32 -3.08 -4.74
CA ARG A 25 2.44 -3.13 -6.18
C ARG A 25 1.13 -2.64 -6.77
N LEU A 26 1.11 -1.38 -7.17
CA LEU A 26 -0.11 -0.68 -7.51
C LEU A 26 -0.96 -1.38 -8.59
N PRO A 27 -0.36 -1.93 -9.67
CA PRO A 27 -1.12 -2.67 -10.69
C PRO A 27 -1.93 -3.84 -10.12
N ASP A 28 -1.54 -4.33 -8.95
CA ASP A 28 -2.22 -5.48 -8.34
C ASP A 28 -2.80 -5.16 -6.98
N TYR A 29 -2.30 -4.07 -6.38
CA TYR A 29 -2.67 -3.65 -5.03
C TYR A 29 -2.32 -4.72 -4.00
N ILE A 30 -1.20 -5.39 -4.20
CA ILE A 30 -0.75 -6.42 -3.28
C ILE A 30 0.51 -5.99 -2.54
N CYS A 31 1.07 -6.92 -1.81
CA CYS A 31 2.28 -6.69 -1.03
C CYS A 31 3.49 -6.98 -1.92
N PRO A 32 4.55 -6.18 -1.80
CA PRO A 32 5.76 -6.39 -2.58
C PRO A 32 6.62 -7.47 -1.93
N ARG A 33 6.23 -7.85 -0.73
CA ARG A 33 6.98 -8.79 0.07
C ARG A 33 6.35 -10.18 0.05
N CYS A 34 5.03 -10.27 0.14
CA CYS A 34 4.39 -11.59 0.18
C CYS A 34 3.30 -11.75 -0.89
N GLU A 35 2.98 -10.65 -1.59
CA GLU A 35 2.02 -10.67 -2.69
C GLU A 35 0.64 -11.15 -2.23
N SER A 36 0.27 -10.75 -1.03
CA SER A 36 -0.98 -11.21 -0.43
C SER A 36 -2.15 -10.30 -0.79
N GLY A 37 -2.03 -9.03 -0.44
CA GLY A 37 -3.10 -8.10 -0.65
C GLY A 37 -3.66 -7.58 0.65
N PHE A 38 -3.48 -8.38 1.71
CA PHE A 38 -3.90 -8.00 3.05
C PHE A 38 -3.07 -6.84 3.59
N ILE A 39 -3.43 -5.64 3.20
CA ILE A 39 -2.69 -4.44 3.57
C ILE A 39 -3.63 -3.34 4.01
N GLU A 40 -3.14 -2.47 4.87
CA GLU A 40 -3.93 -1.37 5.37
C GLU A 40 -3.37 -0.03 4.89
N GLU A 41 -4.24 0.78 4.32
CA GLU A 41 -3.86 2.08 3.83
C GLU A 41 -3.78 3.05 5.00
N LEU A 42 -2.56 3.43 5.35
CA LEU A 42 -2.30 4.20 6.57
C LEU A 42 -2.60 5.68 6.38
ZN ZN B . 3.19 -8.92 3.05
N GLY A 1 -12.55 18.47 3.53
CA GLY A 1 -12.86 18.17 2.10
C GLY A 1 -13.10 16.68 1.88
N SER A 2 -12.34 15.86 2.59
CA SER A 2 -12.51 14.40 2.57
C SER A 2 -12.20 13.82 1.18
N MET A 3 -13.22 13.74 0.33
CA MET A 3 -13.07 13.14 -0.99
C MET A 3 -12.52 14.17 -1.97
N ALA A 4 -12.46 15.42 -1.53
CA ALA A 4 -11.90 16.49 -2.34
C ALA A 4 -10.46 16.72 -1.92
N GLU A 5 -9.97 15.81 -1.10
CA GLU A 5 -8.61 15.84 -0.62
C GLU A 5 -7.86 14.61 -1.10
N ALA A 6 -8.27 14.10 -2.25
CA ALA A 6 -7.73 12.86 -2.77
C ALA A 6 -6.73 13.10 -3.89
N SER A 7 -6.24 14.33 -4.00
CA SER A 7 -5.18 14.64 -4.96
C SER A 7 -3.92 13.83 -4.64
N PRO A 8 -3.40 13.91 -3.39
CA PRO A 8 -2.27 13.08 -2.96
C PRO A 8 -2.59 11.59 -3.07
N HIS A 9 -1.67 10.83 -3.64
CA HIS A 9 -1.90 9.41 -3.88
C HIS A 9 -1.43 8.58 -2.69
N PRO A 10 -2.13 7.49 -2.38
CA PRO A 10 -1.75 6.59 -1.30
C PRO A 10 -0.49 5.80 -1.65
N GLY A 11 0.27 5.42 -0.64
CA GLY A 11 1.50 4.70 -0.86
C GLY A 11 1.95 3.95 0.37
N ARG A 12 1.72 4.55 1.52
CA ARG A 12 2.03 3.91 2.79
C ARG A 12 0.95 2.92 3.18
N TYR A 13 1.30 1.65 3.12
CA TYR A 13 0.40 0.60 3.52
C TYR A 13 1.01 -0.23 4.64
N PHE A 14 0.18 -0.99 5.32
CA PHE A 14 0.67 -1.87 6.36
C PHE A 14 0.15 -3.27 6.12
N CYS A 15 1.05 -4.16 5.74
CA CYS A 15 0.67 -5.53 5.42
C CYS A 15 0.36 -6.32 6.67
N HIS A 16 -0.81 -6.95 6.69
CA HIS A 16 -1.23 -7.79 7.81
C HIS A 16 -0.41 -9.08 7.84
N CYS A 17 0.03 -9.48 6.67
CA CYS A 17 0.76 -10.74 6.51
C CYS A 17 2.22 -10.60 6.94
N CYS A 18 2.79 -9.42 6.75
CA CYS A 18 4.19 -9.18 7.12
C CYS A 18 4.28 -8.34 8.40
N SER A 19 3.16 -7.74 8.78
CA SER A 19 3.05 -6.80 9.90
C SER A 19 4.09 -5.68 9.79
N VAL A 20 4.25 -5.17 8.58
CA VAL A 20 5.19 -4.08 8.32
C VAL A 20 4.60 -3.09 7.33
N GLU A 21 5.21 -1.91 7.26
CA GLU A 21 4.74 -0.84 6.39
C GLU A 21 5.39 -0.99 5.01
N ILE A 22 4.57 -0.93 3.98
CA ILE A 22 4.99 -1.23 2.62
C ILE A 22 4.44 -0.22 1.63
N VAL A 23 4.98 -0.26 0.43
CA VAL A 23 4.43 0.46 -0.70
C VAL A 23 3.99 -0.56 -1.77
N PRO A 24 2.67 -0.77 -1.89
CA PRO A 24 2.08 -1.85 -2.69
C PRO A 24 2.37 -1.74 -4.18
N ARG A 25 2.33 -2.88 -4.84
CA ARG A 25 2.34 -2.92 -6.29
C ARG A 25 0.95 -2.53 -6.75
N LEU A 26 0.79 -1.28 -7.16
CA LEU A 26 -0.53 -0.66 -7.29
C LEU A 26 -1.47 -1.42 -8.24
N PRO A 27 -1.04 -1.80 -9.46
CA PRO A 27 -1.90 -2.53 -10.40
C PRO A 27 -2.49 -3.82 -9.81
N ASP A 28 -1.80 -4.38 -8.81
CA ASP A 28 -2.25 -5.62 -8.19
C ASP A 28 -2.75 -5.38 -6.78
N TYR A 29 -2.38 -4.23 -6.23
CA TYR A 29 -2.71 -3.86 -4.85
C TYR A 29 -2.22 -4.90 -3.86
N ILE A 30 -1.03 -5.45 -4.09
CA ILE A 30 -0.49 -6.46 -3.22
C ILE A 30 0.77 -5.99 -2.51
N CYS A 31 1.34 -6.89 -1.74
CA CYS A 31 2.53 -6.64 -0.95
C CYS A 31 3.76 -6.94 -1.79
N PRO A 32 4.83 -6.17 -1.63
CA PRO A 32 6.07 -6.41 -2.34
C PRO A 32 6.89 -7.50 -1.65
N ARG A 33 6.49 -7.83 -0.42
CA ARG A 33 7.18 -8.82 0.37
C ARG A 33 6.53 -10.20 0.24
N CYS A 34 5.20 -10.26 0.31
CA CYS A 34 4.53 -11.56 0.31
C CYS A 34 3.51 -11.70 -0.83
N GLU A 35 3.22 -10.58 -1.49
CA GLU A 35 2.28 -10.55 -2.62
C GLU A 35 0.92 -11.11 -2.25
N SER A 36 0.51 -10.82 -1.03
CA SER A 36 -0.72 -11.38 -0.48
C SER A 36 -1.93 -10.51 -0.81
N GLY A 37 -1.87 -9.25 -0.40
CA GLY A 37 -2.98 -8.35 -0.65
C GLY A 37 -3.60 -7.83 0.61
N PHE A 38 -3.36 -8.54 1.71
CA PHE A 38 -3.82 -8.11 3.02
C PHE A 38 -2.99 -6.94 3.53
N ILE A 39 -3.37 -5.73 3.14
CA ILE A 39 -2.63 -4.53 3.50
C ILE A 39 -3.58 -3.42 3.95
N GLU A 40 -3.06 -2.52 4.77
CA GLU A 40 -3.86 -1.42 5.29
C GLU A 40 -3.37 -0.09 4.77
N GLU A 41 -4.25 0.63 4.11
CA GLU A 41 -3.95 1.95 3.61
C GLU A 41 -3.92 2.93 4.78
N LEU A 42 -2.71 3.40 5.10
CA LEU A 42 -2.51 4.24 6.28
C LEU A 42 -2.89 5.68 6.00
ZN ZN B . 3.24 -8.88 3.13
N GLY A 1 -7.62 17.03 -11.81
CA GLY A 1 -7.41 15.80 -10.99
C GLY A 1 -5.97 15.68 -10.52
N SER A 2 -5.71 16.15 -9.31
CA SER A 2 -4.38 16.08 -8.74
C SER A 2 -4.36 15.18 -7.52
N MET A 3 -3.27 14.46 -7.32
CA MET A 3 -3.12 13.56 -6.18
C MET A 3 -2.82 14.36 -4.91
N ALA A 4 -3.80 15.14 -4.49
CA ALA A 4 -3.69 15.96 -3.28
C ALA A 4 -5.07 16.40 -2.83
N GLU A 5 -5.92 16.72 -3.80
CA GLU A 5 -7.29 17.11 -3.52
C GLU A 5 -8.11 15.91 -3.05
N ALA A 6 -7.80 14.75 -3.59
CA ALA A 6 -8.45 13.51 -3.22
C ALA A 6 -7.43 12.42 -2.98
N SER A 7 -6.79 12.49 -1.81
CA SER A 7 -5.74 11.55 -1.42
C SER A 7 -4.46 11.78 -2.23
N PRO A 8 -3.31 11.93 -1.55
CA PRO A 8 -2.03 12.14 -2.21
C PRO A 8 -1.44 10.85 -2.80
N HIS A 9 -2.34 9.99 -3.29
CA HIS A 9 -1.99 8.68 -3.84
C HIS A 9 -1.49 7.73 -2.76
N PRO A 10 -2.12 6.56 -2.67
CA PRO A 10 -1.79 5.54 -1.68
C PRO A 10 -0.41 4.95 -1.93
N GLY A 11 0.37 4.81 -0.86
CA GLY A 11 1.69 4.24 -0.97
C GLY A 11 2.13 3.64 0.34
N ARG A 12 1.81 4.34 1.42
CA ARG A 12 2.08 3.85 2.75
C ARG A 12 0.99 2.86 3.18
N TYR A 13 1.32 1.59 3.16
CA TYR A 13 0.39 0.57 3.57
C TYR A 13 0.97 -0.25 4.71
N PHE A 14 0.13 -1.03 5.35
CA PHE A 14 0.58 -1.92 6.38
C PHE A 14 0.07 -3.33 6.10
N CYS A 15 0.98 -4.21 5.74
CA CYS A 15 0.62 -5.57 5.39
C CYS A 15 0.30 -6.37 6.64
N HIS A 16 -0.82 -7.06 6.62
CA HIS A 16 -1.23 -7.90 7.75
C HIS A 16 -0.53 -9.26 7.69
N CYS A 17 0.02 -9.57 6.53
CA CYS A 17 0.73 -10.82 6.34
C CYS A 17 2.18 -10.69 6.81
N CYS A 18 2.75 -9.51 6.64
CA CYS A 18 4.13 -9.24 7.05
C CYS A 18 4.19 -8.46 8.35
N SER A 19 3.03 -7.88 8.71
CA SER A 19 2.88 -6.98 9.85
C SER A 19 3.90 -5.85 9.82
N VAL A 20 4.15 -5.32 8.63
CA VAL A 20 5.08 -4.21 8.44
C VAL A 20 4.50 -3.18 7.48
N GLU A 21 5.09 -2.00 7.48
CA GLU A 21 4.67 -0.93 6.60
C GLU A 21 5.32 -1.11 5.23
N ILE A 22 4.50 -1.09 4.19
CA ILE A 22 4.94 -1.43 2.85
C ILE A 22 4.46 -0.42 1.82
N VAL A 23 5.02 -0.51 0.64
CA VAL A 23 4.53 0.20 -0.53
C VAL A 23 4.07 -0.81 -1.57
N PRO A 24 2.75 -0.94 -1.74
CA PRO A 24 2.14 -1.99 -2.56
C PRO A 24 2.46 -1.86 -4.04
N ARG A 25 2.33 -2.97 -4.75
CA ARG A 25 2.35 -2.96 -6.20
C ARG A 25 0.98 -2.53 -6.66
N LEU A 26 0.86 -1.26 -7.01
CA LEU A 26 -0.43 -0.60 -7.20
C LEU A 26 -1.34 -1.30 -8.23
N PRO A 27 -0.82 -1.72 -9.41
CA PRO A 27 -1.65 -2.43 -10.40
C PRO A 27 -2.31 -3.69 -9.86
N ASP A 28 -1.73 -4.26 -8.80
CA ASP A 28 -2.26 -5.48 -8.21
C ASP A 28 -2.83 -5.22 -6.82
N TYR A 29 -2.37 -4.13 -6.21
CA TYR A 29 -2.71 -3.78 -4.83
C TYR A 29 -2.25 -4.85 -3.86
N ILE A 30 -1.11 -5.46 -4.14
CA ILE A 30 -0.57 -6.48 -3.27
C ILE A 30 0.67 -5.99 -2.55
N CYS A 31 1.27 -6.89 -1.81
CA CYS A 31 2.43 -6.59 -1.00
C CYS A 31 3.69 -6.80 -1.82
N PRO A 32 4.69 -5.93 -1.66
CA PRO A 32 5.97 -6.05 -2.37
C PRO A 32 6.81 -7.15 -1.75
N ARG A 33 6.45 -7.54 -0.53
CA ARG A 33 7.15 -8.58 0.18
C ARG A 33 6.52 -9.95 -0.08
N CYS A 34 5.23 -10.09 0.19
CA CYS A 34 4.60 -11.42 0.16
C CYS A 34 3.57 -11.57 -0.96
N GLU A 35 3.24 -10.46 -1.63
CA GLU A 35 2.32 -10.47 -2.78
C GLU A 35 0.95 -11.03 -2.40
N SER A 36 0.55 -10.80 -1.17
CA SER A 36 -0.68 -11.39 -0.65
C SER A 36 -1.89 -10.52 -0.93
N GLY A 37 -1.85 -9.27 -0.47
CA GLY A 37 -2.96 -8.37 -0.70
C GLY A 37 -3.53 -7.84 0.60
N PHE A 38 -3.31 -8.58 1.68
CA PHE A 38 -3.75 -8.15 3.01
C PHE A 38 -2.94 -6.96 3.49
N ILE A 39 -3.41 -5.76 3.18
CA ILE A 39 -2.71 -4.54 3.55
C ILE A 39 -3.68 -3.45 3.99
N GLU A 40 -3.20 -2.53 4.80
CA GLU A 40 -4.00 -1.40 5.27
C GLU A 40 -3.46 -0.09 4.73
N GLU A 41 -4.34 0.69 4.13
CA GLU A 41 -3.97 2.01 3.63
C GLU A 41 -3.93 2.99 4.79
N LEU A 42 -2.72 3.43 5.12
CA LEU A 42 -2.50 4.28 6.29
C LEU A 42 -2.92 5.72 6.03
ZN ZN B . 3.23 -8.84 3.06
N GLY A 1 0.92 12.79 -10.67
CA GLY A 1 1.69 13.58 -11.67
C GLY A 1 2.12 12.74 -12.85
N SER A 2 3.05 13.26 -13.65
CA SER A 2 3.60 12.55 -14.81
C SER A 2 2.50 12.17 -15.81
N MET A 3 1.56 13.10 -16.02
CA MET A 3 0.46 12.89 -16.95
C MET A 3 -0.37 11.67 -16.57
N ALA A 4 -0.44 11.39 -15.28
CA ALA A 4 -1.15 10.24 -14.76
C ALA A 4 -1.93 10.63 -13.53
N GLU A 5 -2.76 11.67 -13.69
CA GLU A 5 -3.56 12.23 -12.61
C GLU A 5 -2.70 12.99 -11.60
N ALA A 6 -2.98 14.28 -11.46
CA ALA A 6 -2.24 15.11 -10.52
C ALA A 6 -2.95 15.09 -9.17
N SER A 7 -2.93 13.93 -8.52
CA SER A 7 -3.57 13.76 -7.23
C SER A 7 -2.55 13.28 -6.20
N PRO A 8 -2.74 13.60 -4.91
CA PRO A 8 -1.83 13.21 -3.84
C PRO A 8 -1.40 11.75 -3.94
N HIS A 9 -2.39 10.85 -3.85
CA HIS A 9 -2.17 9.41 -3.97
C HIS A 9 -1.42 8.83 -2.77
N PRO A 10 -1.92 7.71 -2.23
CA PRO A 10 -1.35 7.06 -1.07
C PRO A 10 -0.30 6.01 -1.46
N GLY A 11 0.60 5.72 -0.53
CA GLY A 11 1.65 4.75 -0.79
C GLY A 11 2.04 3.99 0.45
N ARG A 12 1.91 4.65 1.60
CA ARG A 12 2.18 4.01 2.87
C ARG A 12 1.09 3.01 3.23
N TYR A 13 1.42 1.74 3.12
CA TYR A 13 0.52 0.68 3.50
C TYR A 13 1.14 -0.17 4.60
N PHE A 14 0.33 -1.01 5.20
CA PHE A 14 0.81 -1.91 6.22
C PHE A 14 0.29 -3.31 5.96
N CYS A 15 1.19 -4.22 5.65
CA CYS A 15 0.81 -5.59 5.34
C CYS A 15 0.52 -6.36 6.61
N HIS A 16 -0.61 -7.05 6.64
CA HIS A 16 -1.00 -7.86 7.78
C HIS A 16 -0.24 -9.17 7.79
N CYS A 17 0.16 -9.61 6.62
CA CYS A 17 0.87 -10.86 6.46
C CYS A 17 2.33 -10.73 6.89
N CYS A 18 2.89 -9.55 6.69
CA CYS A 18 4.28 -9.30 7.06
C CYS A 18 4.36 -8.47 8.34
N SER A 19 3.22 -7.89 8.71
CA SER A 19 3.10 -6.94 9.81
C SER A 19 4.16 -5.84 9.73
N VAL A 20 4.35 -5.30 8.53
CA VAL A 20 5.32 -4.25 8.28
C VAL A 20 4.75 -3.22 7.31
N GLU A 21 5.41 -2.08 7.26
CA GLU A 21 4.96 -0.98 6.43
C GLU A 21 5.53 -1.14 5.02
N ILE A 22 4.66 -1.08 4.02
CA ILE A 22 5.03 -1.36 2.64
C ILE A 22 4.50 -0.32 1.68
N VAL A 23 4.99 -0.37 0.46
CA VAL A 23 4.41 0.38 -0.64
C VAL A 23 3.93 -0.62 -1.71
N PRO A 24 2.61 -0.73 -1.90
CA PRO A 24 2.00 -1.77 -2.73
C PRO A 24 2.32 -1.63 -4.20
N ARG A 25 2.31 -2.76 -4.89
CA ARG A 25 2.34 -2.76 -6.34
C ARG A 25 0.96 -2.36 -6.83
N LEU A 26 0.81 -1.10 -7.21
CA LEU A 26 -0.52 -0.50 -7.37
C LEU A 26 -1.44 -1.28 -8.31
N PRO A 27 -0.99 -1.69 -9.52
CA PRO A 27 -1.81 -2.49 -10.44
C PRO A 27 -2.34 -3.78 -9.80
N ASP A 28 -1.56 -4.34 -8.88
CA ASP A 28 -1.91 -5.59 -8.22
C ASP A 28 -2.56 -5.35 -6.87
N TYR A 29 -2.23 -4.21 -6.28
CA TYR A 29 -2.62 -3.86 -4.91
C TYR A 29 -2.16 -4.92 -3.91
N ILE A 30 -0.98 -5.48 -4.15
CA ILE A 30 -0.47 -6.50 -3.26
C ILE A 30 0.77 -6.03 -2.52
N CYS A 31 1.35 -6.96 -1.79
CA CYS A 31 2.53 -6.72 -1.00
C CYS A 31 3.76 -6.99 -1.85
N PRO A 32 4.81 -6.18 -1.71
CA PRO A 32 6.05 -6.37 -2.46
C PRO A 32 6.89 -7.49 -1.85
N ARG A 33 6.48 -7.92 -0.66
CA ARG A 33 7.20 -8.94 0.07
C ARG A 33 6.53 -10.30 -0.06
N CYS A 34 5.22 -10.37 0.19
CA CYS A 34 4.54 -11.67 0.20
C CYS A 34 3.46 -11.78 -0.88
N GLU A 35 3.19 -10.66 -1.56
CA GLU A 35 2.25 -10.63 -2.68
C GLU A 35 0.85 -11.11 -2.29
N SER A 36 0.44 -10.81 -1.06
CA SER A 36 -0.82 -11.32 -0.55
C SER A 36 -1.98 -10.38 -0.88
N GLY A 37 -1.89 -9.13 -0.43
CA GLY A 37 -2.95 -8.19 -0.65
C GLY A 37 -3.57 -7.69 0.64
N PHE A 38 -3.34 -8.44 1.71
CA PHE A 38 -3.79 -8.03 3.04
C PHE A 38 -2.96 -6.86 3.55
N ILE A 39 -3.29 -5.67 3.08
CA ILE A 39 -2.57 -4.46 3.45
C ILE A 39 -3.53 -3.35 3.87
N GLU A 40 -3.05 -2.48 4.74
CA GLU A 40 -3.85 -1.37 5.21
C GLU A 40 -3.28 -0.05 4.77
N GLU A 41 -4.08 0.75 4.09
CA GLU A 41 -3.70 2.08 3.68
C GLU A 41 -3.68 2.99 4.90
N LEU A 42 -2.50 3.49 5.21
CA LEU A 42 -2.28 4.27 6.42
C LEU A 42 -2.67 5.73 6.20
ZN ZN B . 3.32 -8.99 3.06
N GLY A 1 6.34 14.73 5.35
CA GLY A 1 6.83 13.53 4.64
C GLY A 1 6.26 13.43 3.23
N SER A 2 5.35 12.49 3.03
CA SER A 2 4.77 12.25 1.71
C SER A 2 3.66 13.26 1.41
N MET A 3 3.04 13.79 2.45
CA MET A 3 1.94 14.74 2.30
C MET A 3 2.47 16.16 2.07
N ALA A 4 3.36 16.29 1.11
CA ALA A 4 3.91 17.59 0.75
C ALA A 4 3.62 17.88 -0.71
N GLU A 5 2.38 17.56 -1.12
CA GLU A 5 1.96 17.66 -2.50
C GLU A 5 2.87 16.82 -3.39
N ALA A 6 2.96 15.55 -3.04
CA ALA A 6 3.82 14.62 -3.74
C ALA A 6 3.12 13.27 -3.93
N SER A 7 2.50 12.78 -2.87
CA SER A 7 1.82 11.49 -2.93
C SER A 7 0.37 11.60 -2.46
N PRO A 8 -0.54 12.10 -3.33
CA PRO A 8 -1.96 12.20 -3.03
C PRO A 8 -2.71 10.94 -3.41
N HIS A 9 -2.00 9.82 -3.36
CA HIS A 9 -2.58 8.53 -3.69
C HIS A 9 -2.04 7.49 -2.70
N PRO A 10 -2.77 6.39 -2.50
CA PRO A 10 -2.37 5.33 -1.57
C PRO A 10 -0.94 4.85 -1.83
N GLY A 11 -0.11 4.88 -0.80
CA GLY A 11 1.27 4.48 -0.96
C GLY A 11 1.79 3.80 0.28
N ARG A 12 1.54 4.41 1.41
CA ARG A 12 1.88 3.83 2.69
C ARG A 12 0.82 2.83 3.11
N TYR A 13 1.17 1.56 3.02
CA TYR A 13 0.28 0.50 3.45
C TYR A 13 0.91 -0.30 4.56
N PHE A 14 0.11 -1.05 5.25
CA PHE A 14 0.61 -1.92 6.30
C PHE A 14 0.12 -3.34 6.09
N CYS A 15 1.05 -4.22 5.74
CA CYS A 15 0.72 -5.60 5.46
C CYS A 15 0.45 -6.35 6.75
N HIS A 16 -0.63 -7.12 6.75
CA HIS A 16 -1.00 -7.91 7.92
C HIS A 16 -0.21 -9.20 7.99
N CYS A 17 0.26 -9.67 6.85
CA CYS A 17 1.05 -10.89 6.78
C CYS A 17 2.48 -10.62 7.24
N CYS A 18 3.05 -9.53 6.75
CA CYS A 18 4.43 -9.17 7.09
C CYS A 18 4.48 -8.30 8.34
N SER A 19 3.32 -7.75 8.68
CA SER A 19 3.15 -6.81 9.79
C SER A 19 4.16 -5.66 9.72
N VAL A 20 4.37 -5.15 8.51
CA VAL A 20 5.28 -4.04 8.29
C VAL A 20 4.66 -3.04 7.33
N GLU A 21 5.23 -1.85 7.30
CA GLU A 21 4.75 -0.81 6.41
C GLU A 21 5.36 -1.01 5.03
N ILE A 22 4.53 -0.97 4.01
CA ILE A 22 4.95 -1.25 2.64
C ILE A 22 4.41 -0.22 1.68
N VAL A 23 4.94 -0.25 0.48
CA VAL A 23 4.36 0.48 -0.65
C VAL A 23 3.95 -0.55 -1.71
N PRO A 24 2.64 -0.76 -1.86
CA PRO A 24 2.09 -1.83 -2.69
C PRO A 24 2.39 -1.68 -4.16
N ARG A 25 2.43 -2.81 -4.85
CA ARG A 25 2.46 -2.80 -6.29
C ARG A 25 1.09 -2.32 -6.76
N LEU A 26 1.01 -1.05 -7.10
CA LEU A 26 -0.26 -0.39 -7.34
C LEU A 26 -1.14 -1.07 -8.40
N PRO A 27 -0.57 -1.56 -9.52
CA PRO A 27 -1.35 -2.31 -10.52
C PRO A 27 -2.09 -3.51 -9.92
N ASP A 28 -1.51 -4.11 -8.90
CA ASP A 28 -2.06 -5.34 -8.32
C ASP A 28 -2.64 -5.10 -6.92
N TYR A 29 -2.22 -4.00 -6.32
CA TYR A 29 -2.60 -3.63 -4.95
C TYR A 29 -2.20 -4.71 -3.95
N ILE A 30 -1.03 -5.30 -4.15
CA ILE A 30 -0.57 -6.34 -3.25
C ILE A 30 0.70 -5.93 -2.51
N CYS A 31 1.23 -6.88 -1.76
CA CYS A 31 2.42 -6.67 -0.96
C CYS A 31 3.64 -6.97 -1.82
N PRO A 32 4.69 -6.14 -1.71
CA PRO A 32 5.91 -6.36 -2.48
C PRO A 32 6.75 -7.46 -1.85
N ARG A 33 6.40 -7.81 -0.62
CA ARG A 33 7.11 -8.83 0.11
C ARG A 33 6.43 -10.20 -0.04
N CYS A 34 5.12 -10.28 0.19
CA CYS A 34 4.45 -11.58 0.22
C CYS A 34 3.37 -11.72 -0.84
N GLU A 35 3.06 -10.61 -1.54
CA GLU A 35 2.09 -10.60 -2.64
C GLU A 35 0.72 -11.09 -2.18
N SER A 36 0.33 -10.69 -0.98
CA SER A 36 -0.88 -11.21 -0.34
C SER A 36 -2.11 -10.38 -0.69
N GLY A 37 -2.06 -9.10 -0.38
CA GLY A 37 -3.21 -8.24 -0.57
C GLY A 37 -3.78 -7.79 0.76
N PHE A 38 -3.43 -8.52 1.82
CA PHE A 38 -3.83 -8.15 3.17
C PHE A 38 -3.01 -6.95 3.67
N ILE A 39 -3.38 -5.77 3.20
CA ILE A 39 -2.66 -4.57 3.53
C ILE A 39 -3.62 -3.45 3.90
N GLU A 40 -3.15 -2.56 4.77
CA GLU A 40 -3.97 -1.45 5.24
C GLU A 40 -3.45 -0.11 4.75
N GLU A 41 -4.29 0.62 4.04
CA GLU A 41 -3.98 1.95 3.57
C GLU A 41 -3.99 2.91 4.75
N LEU A 42 -2.83 3.44 5.08
CA LEU A 42 -2.66 4.27 6.26
C LEU A 42 -3.23 5.67 6.04
ZN ZN B . 3.27 -8.91 3.12
N GLY A 1 -16.76 11.68 -5.10
CA GLY A 1 -16.52 10.95 -3.84
C GLY A 1 -15.05 10.88 -3.49
N SER A 2 -14.75 10.29 -2.33
CA SER A 2 -13.38 10.16 -1.81
C SER A 2 -12.62 11.48 -1.86
N MET A 3 -12.90 12.35 -0.88
CA MET A 3 -12.22 13.64 -0.79
C MET A 3 -10.84 13.49 -0.15
N ALA A 4 -10.09 12.53 -0.67
CA ALA A 4 -8.75 12.26 -0.16
C ALA A 4 -7.77 12.20 -1.33
N GLU A 5 -7.94 13.12 -2.26
CA GLU A 5 -7.11 13.16 -3.46
C GLU A 5 -5.93 14.10 -3.28
N ALA A 6 -5.67 14.49 -2.03
CA ALA A 6 -4.50 15.30 -1.73
C ALA A 6 -3.24 14.53 -2.11
N SER A 7 -3.32 13.21 -1.95
CA SER A 7 -2.32 12.31 -2.47
C SER A 7 -2.90 11.56 -3.67
N PRO A 8 -2.44 11.92 -4.88
CA PRO A 8 -2.94 11.34 -6.14
C PRO A 8 -3.00 9.81 -6.13
N HIS A 9 -2.07 9.19 -5.40
CA HIS A 9 -2.10 7.74 -5.25
C HIS A 9 -1.59 7.35 -3.86
N PRO A 10 -2.26 6.40 -3.20
CA PRO A 10 -1.80 5.83 -1.94
C PRO A 10 -0.42 5.19 -2.08
N GLY A 11 0.29 5.04 -0.96
CA GLY A 11 1.62 4.46 -1.01
C GLY A 11 1.99 3.77 0.28
N ARG A 12 1.83 4.49 1.38
CA ARG A 12 2.11 3.93 2.70
C ARG A 12 1.04 2.92 3.11
N TYR A 13 1.40 1.65 3.08
CA TYR A 13 0.51 0.59 3.51
C TYR A 13 1.13 -0.21 4.64
N PHE A 14 0.31 -0.99 5.30
CA PHE A 14 0.80 -1.88 6.33
C PHE A 14 0.27 -3.29 6.07
N CYS A 15 1.17 -4.19 5.72
CA CYS A 15 0.77 -5.54 5.40
C CYS A 15 0.44 -6.31 6.67
N HIS A 16 -0.72 -6.95 6.68
CA HIS A 16 -1.15 -7.73 7.83
C HIS A 16 -0.48 -9.10 7.85
N CYS A 17 0.09 -9.49 6.73
CA CYS A 17 0.78 -10.77 6.62
C CYS A 17 2.22 -10.62 7.09
N CYS A 18 2.85 -9.52 6.70
CA CYS A 18 4.24 -9.26 7.07
C CYS A 18 4.34 -8.44 8.36
N SER A 19 3.19 -7.84 8.72
CA SER A 19 3.09 -6.90 9.85
C SER A 19 4.15 -5.81 9.77
N VAL A 20 4.37 -5.31 8.55
CA VAL A 20 5.34 -4.23 8.32
C VAL A 20 4.75 -3.21 7.36
N GLU A 21 5.38 -2.04 7.33
CA GLU A 21 4.92 -0.95 6.49
C GLU A 21 5.51 -1.09 5.09
N ILE A 22 4.66 -1.09 4.08
CA ILE A 22 5.08 -1.38 2.71
C ILE A 22 4.58 -0.32 1.75
N VAL A 23 5.11 -0.38 0.54
CA VAL A 23 4.59 0.36 -0.60
C VAL A 23 4.15 -0.65 -1.67
N PRO A 24 2.83 -0.83 -1.82
CA PRO A 24 2.26 -1.91 -2.65
C PRO A 24 2.53 -1.77 -4.13
N ARG A 25 2.41 -2.89 -4.83
CA ARG A 25 2.36 -2.88 -6.27
C ARG A 25 0.98 -2.42 -6.68
N LEU A 26 0.87 -1.14 -7.05
CA LEU A 26 -0.42 -0.48 -7.21
C LEU A 26 -1.36 -1.17 -8.22
N PRO A 27 -0.86 -1.63 -9.39
CA PRO A 27 -1.69 -2.36 -10.37
C PRO A 27 -2.40 -3.58 -9.76
N ASP A 28 -1.72 -4.28 -8.85
CA ASP A 28 -2.27 -5.49 -8.25
C ASP A 28 -2.83 -5.22 -6.85
N TYR A 29 -2.38 -4.12 -6.27
CA TYR A 29 -2.72 -3.74 -4.90
C TYR A 29 -2.28 -4.80 -3.90
N ILE A 30 -1.10 -5.37 -4.11
CA ILE A 30 -0.58 -6.40 -3.22
C ILE A 30 0.67 -5.94 -2.50
N CYS A 31 1.25 -6.87 -1.76
CA CYS A 31 2.45 -6.63 -0.98
C CYS A 31 3.66 -6.89 -1.86
N PRO A 32 4.72 -6.07 -1.73
CA PRO A 32 5.92 -6.26 -2.53
C PRO A 32 6.78 -7.37 -1.94
N ARG A 33 6.38 -7.80 -0.75
CA ARG A 33 7.08 -8.83 -0.03
C ARG A 33 6.40 -10.18 -0.22
N CYS A 34 5.13 -10.29 0.21
CA CYS A 34 4.47 -11.59 0.22
C CYS A 34 3.41 -11.70 -0.87
N GLU A 35 3.13 -10.57 -1.55
CA GLU A 35 2.22 -10.55 -2.70
C GLU A 35 0.83 -11.07 -2.35
N SER A 36 0.39 -10.79 -1.13
CA SER A 36 -0.85 -11.34 -0.62
C SER A 36 -2.05 -10.44 -0.92
N GLY A 37 -1.98 -9.20 -0.45
CA GLY A 37 -3.09 -8.29 -0.65
C GLY A 37 -3.61 -7.75 0.66
N PHE A 38 -3.39 -8.51 1.73
CA PHE A 38 -3.76 -8.08 3.08
C PHE A 38 -2.89 -6.91 3.53
N ILE A 39 -3.29 -5.70 3.16
CA ILE A 39 -2.53 -4.51 3.50
C ILE A 39 -3.47 -3.39 3.92
N GLU A 40 -2.98 -2.50 4.76
CA GLU A 40 -3.79 -1.40 5.27
C GLU A 40 -3.27 -0.06 4.76
N GLU A 41 -4.15 0.67 4.09
CA GLU A 41 -3.82 2.00 3.57
C GLU A 41 -3.79 2.99 4.73
N LEU A 42 -2.59 3.36 5.15
CA LEU A 42 -2.39 4.13 6.37
C LEU A 42 -2.84 5.58 6.22
ZN ZN B . 3.26 -8.92 3.08
N GLY A 1 -0.51 24.53 -14.42
CA GLY A 1 0.00 23.45 -15.29
C GLY A 1 -0.92 22.26 -15.28
N SER A 2 -0.48 21.17 -15.90
CA SER A 2 -1.26 19.95 -15.98
C SER A 2 -0.35 18.73 -15.91
N MET A 3 -0.75 17.75 -15.10
CA MET A 3 0.02 16.50 -14.93
C MET A 3 1.46 16.80 -14.53
N ALA A 4 1.62 17.73 -13.61
CA ALA A 4 2.93 18.20 -13.22
C ALA A 4 3.31 17.63 -11.86
N GLU A 5 2.31 17.22 -11.09
CA GLU A 5 2.55 16.64 -9.79
C GLU A 5 1.47 15.62 -9.44
N ALA A 6 0.24 16.12 -9.28
CA ALA A 6 -0.92 15.29 -8.96
C ALA A 6 -0.76 14.59 -7.61
N SER A 7 -0.11 13.43 -7.61
CA SER A 7 0.07 12.63 -6.41
C SER A 7 -1.28 12.35 -5.72
N PRO A 8 -2.23 11.69 -6.44
CA PRO A 8 -3.55 11.40 -5.92
C PRO A 8 -3.73 9.95 -5.47
N HIS A 9 -2.64 9.23 -5.29
CA HIS A 9 -2.73 7.82 -4.93
C HIS A 9 -2.05 7.54 -3.60
N PRO A 10 -2.55 6.54 -2.85
CA PRO A 10 -1.94 6.13 -1.59
C PRO A 10 -0.64 5.37 -1.82
N GLY A 11 0.17 5.23 -0.77
CA GLY A 11 1.45 4.58 -0.91
C GLY A 11 1.86 3.84 0.34
N ARG A 12 1.79 4.53 1.47
CA ARG A 12 2.11 3.92 2.75
C ARG A 12 1.03 2.91 3.15
N TYR A 13 1.38 1.64 3.09
CA TYR A 13 0.49 0.58 3.49
C TYR A 13 1.12 -0.25 4.59
N PHE A 14 0.30 -1.06 5.23
CA PHE A 14 0.79 -1.96 6.27
C PHE A 14 0.23 -3.35 6.03
N CYS A 15 1.12 -4.28 5.67
CA CYS A 15 0.72 -5.63 5.37
C CYS A 15 0.40 -6.39 6.64
N HIS A 16 -0.72 -7.10 6.64
CA HIS A 16 -1.17 -7.85 7.80
C HIS A 16 -0.45 -9.19 7.90
N CYS A 17 0.12 -9.64 6.80
CA CYS A 17 0.85 -10.91 6.79
C CYS A 17 2.30 -10.68 7.22
N CYS A 18 2.91 -9.62 6.71
CA CYS A 18 4.30 -9.31 7.02
C CYS A 18 4.40 -8.47 8.29
N SER A 19 3.26 -7.88 8.66
CA SER A 19 3.16 -6.93 9.78
C SER A 19 4.21 -5.82 9.67
N VAL A 20 4.38 -5.32 8.46
CA VAL A 20 5.34 -4.25 8.20
C VAL A 20 4.74 -3.22 7.26
N GLU A 21 5.37 -2.07 7.20
CA GLU A 21 4.94 -0.98 6.33
C GLU A 21 5.50 -1.20 4.94
N ILE A 22 4.64 -1.13 3.94
CA ILE A 22 5.02 -1.44 2.57
C ILE A 22 4.50 -0.41 1.58
N VAL A 23 5.02 -0.50 0.38
CA VAL A 23 4.49 0.23 -0.76
C VAL A 23 4.00 -0.77 -1.80
N PRO A 24 2.68 -0.91 -1.94
CA PRO A 24 2.06 -1.97 -2.75
C PRO A 24 2.38 -1.87 -4.24
N ARG A 25 2.35 -3.01 -4.89
CA ARG A 25 2.43 -3.05 -6.34
C ARG A 25 1.08 -2.62 -6.90
N LEU A 26 1.02 -1.36 -7.31
CA LEU A 26 -0.25 -0.67 -7.55
C LEU A 26 -1.22 -1.41 -8.48
N PRO A 27 -0.79 -1.91 -9.65
CA PRO A 27 -1.69 -2.61 -10.58
C PRO A 27 -2.42 -3.79 -9.93
N ASP A 28 -1.80 -4.39 -8.93
CA ASP A 28 -2.38 -5.54 -8.24
C ASP A 28 -2.82 -5.18 -6.83
N TYR A 29 -2.30 -4.05 -6.34
CA TYR A 29 -2.52 -3.60 -4.97
C TYR A 29 -2.12 -4.67 -3.96
N ILE A 30 -1.05 -5.39 -4.23
CA ILE A 30 -0.61 -6.43 -3.33
C ILE A 30 0.66 -6.02 -2.60
N CYS A 31 1.19 -6.95 -1.84
CA CYS A 31 2.38 -6.74 -1.04
C CYS A 31 3.60 -7.06 -1.89
N PRO A 32 4.67 -6.26 -1.77
CA PRO A 32 5.89 -6.49 -2.52
C PRO A 32 6.74 -7.56 -1.85
N ARG A 33 6.29 -7.96 -0.67
CA ARG A 33 7.02 -8.91 0.15
C ARG A 33 6.38 -10.29 0.11
N CYS A 34 5.05 -10.36 0.17
CA CYS A 34 4.39 -11.67 0.19
C CYS A 34 3.32 -11.82 -0.89
N GLU A 35 3.00 -10.71 -1.57
CA GLU A 35 2.04 -10.71 -2.69
C GLU A 35 0.69 -11.25 -2.27
N SER A 36 0.25 -10.86 -1.10
CA SER A 36 -0.98 -11.40 -0.52
C SER A 36 -2.17 -10.50 -0.84
N GLY A 37 -2.08 -9.24 -0.45
CA GLY A 37 -3.16 -8.32 -0.66
C GLY A 37 -3.68 -7.75 0.64
N PHE A 38 -3.50 -8.51 1.71
CA PHE A 38 -3.87 -8.08 3.05
C PHE A 38 -2.99 -6.92 3.52
N ILE A 39 -3.37 -5.71 3.15
CA ILE A 39 -2.62 -4.52 3.52
C ILE A 39 -3.56 -3.41 3.97
N GLU A 40 -3.05 -2.53 4.81
CA GLU A 40 -3.84 -1.43 5.32
C GLU A 40 -3.31 -0.10 4.82
N GLU A 41 -4.19 0.69 4.24
CA GLU A 41 -3.85 2.02 3.77
C GLU A 41 -3.80 2.96 4.96
N LEU A 42 -2.61 3.43 5.28
CA LEU A 42 -2.38 4.19 6.50
C LEU A 42 -2.77 5.65 6.33
ZN ZN B . 3.20 -9.00 3.05
N GLY A 1 10.42 9.11 -8.54
CA GLY A 1 9.75 10.32 -8.02
C GLY A 1 8.50 9.98 -7.23
N SER A 2 7.57 10.91 -7.17
CA SER A 2 6.32 10.69 -6.46
C SER A 2 5.21 10.27 -7.42
N MET A 3 5.40 10.62 -8.71
CA MET A 3 4.46 10.28 -9.79
C MET A 3 3.16 11.06 -9.66
N ALA A 4 2.40 10.79 -8.61
CA ALA A 4 1.12 11.44 -8.37
C ALA A 4 1.31 12.55 -7.36
N GLU A 5 2.36 13.33 -7.57
CA GLU A 5 2.72 14.45 -6.69
C GLU A 5 1.52 15.31 -6.35
N ALA A 6 0.83 15.80 -7.38
CA ALA A 6 -0.28 16.72 -7.19
C ALA A 6 -1.63 16.00 -7.14
N SER A 7 -1.62 14.79 -6.59
CA SER A 7 -2.85 14.02 -6.45
C SER A 7 -2.75 13.05 -5.27
N PRO A 8 -3.71 13.13 -4.32
CA PRO A 8 -3.78 12.20 -3.19
C PRO A 8 -3.75 10.75 -3.67
N HIS A 9 -2.80 9.98 -3.16
CA HIS A 9 -2.57 8.63 -3.66
C HIS A 9 -2.16 7.69 -2.53
N PRO A 10 -2.64 6.43 -2.56
CA PRO A 10 -2.23 5.40 -1.61
C PRO A 10 -0.82 4.92 -1.89
N GLY A 11 0.00 4.85 -0.85
CA GLY A 11 1.36 4.39 -1.01
C GLY A 11 1.87 3.72 0.25
N ARG A 12 1.69 4.40 1.36
CA ARG A 12 2.06 3.86 2.66
C ARG A 12 1.02 2.86 3.14
N TYR A 13 1.36 1.60 3.09
CA TYR A 13 0.47 0.55 3.55
C TYR A 13 1.12 -0.27 4.64
N PHE A 14 0.31 -1.05 5.32
CA PHE A 14 0.81 -1.94 6.34
C PHE A 14 0.27 -3.34 6.11
N CYS A 15 1.16 -4.26 5.77
CA CYS A 15 0.75 -5.62 5.47
C CYS A 15 0.47 -6.39 6.75
N HIS A 16 -0.63 -7.13 6.77
CA HIS A 16 -1.00 -7.95 7.91
C HIS A 16 -0.26 -9.29 7.87
N CYS A 17 0.11 -9.69 6.67
CA CYS A 17 0.84 -10.94 6.46
C CYS A 17 2.29 -10.80 6.91
N CYS A 18 2.88 -9.65 6.61
CA CYS A 18 4.27 -9.38 6.98
C CYS A 18 4.36 -8.58 8.27
N SER A 19 3.22 -7.96 8.63
CA SER A 19 3.12 -7.02 9.75
C SER A 19 4.20 -5.94 9.69
N VAL A 20 4.38 -5.38 8.49
CA VAL A 20 5.35 -4.33 8.25
C VAL A 20 4.78 -3.28 7.32
N GLU A 21 5.43 -2.13 7.26
CA GLU A 21 5.01 -1.04 6.42
C GLU A 21 5.54 -1.24 5.00
N ILE A 22 4.67 -1.19 4.02
CA ILE A 22 5.02 -1.49 2.64
C ILE A 22 4.48 -0.45 1.69
N VAL A 23 4.96 -0.52 0.46
CA VAL A 23 4.39 0.20 -0.65
C VAL A 23 3.89 -0.83 -1.67
N PRO A 24 2.56 -0.94 -1.83
CA PRO A 24 1.96 -2.00 -2.65
C PRO A 24 2.32 -1.91 -4.11
N ARG A 25 2.34 -3.06 -4.78
CA ARG A 25 2.47 -3.07 -6.22
C ARG A 25 1.16 -2.61 -6.82
N LEU A 26 1.12 -1.34 -7.19
CA LEU A 26 -0.11 -0.63 -7.50
C LEU A 26 -1.01 -1.33 -8.54
N PRO A 27 -0.46 -1.88 -9.65
CA PRO A 27 -1.27 -2.61 -10.64
C PRO A 27 -2.12 -3.74 -10.03
N ASP A 28 -1.66 -4.29 -8.91
CA ASP A 28 -2.37 -5.40 -8.27
C ASP A 28 -2.83 -5.06 -6.86
N TYR A 29 -2.28 -3.97 -6.32
CA TYR A 29 -2.55 -3.53 -4.95
C TYR A 29 -2.19 -4.61 -3.93
N ILE A 30 -1.12 -5.35 -4.20
CA ILE A 30 -0.70 -6.40 -3.29
C ILE A 30 0.57 -5.99 -2.56
N CYS A 31 1.11 -6.92 -1.81
CA CYS A 31 2.31 -6.70 -1.02
C CYS A 31 3.53 -6.99 -1.88
N PRO A 32 4.61 -6.21 -1.73
CA PRO A 32 5.83 -6.43 -2.47
C PRO A 32 6.68 -7.49 -1.78
N ARG A 33 6.24 -7.89 -0.60
CA ARG A 33 6.98 -8.83 0.20
C ARG A 33 6.33 -10.22 0.17
N CYS A 34 5.00 -10.29 0.13
CA CYS A 34 4.34 -11.59 0.13
C CYS A 34 3.25 -11.72 -0.96
N GLU A 35 2.97 -10.59 -1.65
CA GLU A 35 2.03 -10.58 -2.77
C GLU A 35 0.65 -11.12 -2.37
N SER A 36 0.25 -10.82 -1.14
CA SER A 36 -0.98 -11.36 -0.59
C SER A 36 -2.15 -10.38 -0.79
N GLY A 37 -2.01 -9.16 -0.29
CA GLY A 37 -3.04 -8.17 -0.48
C GLY A 37 -3.62 -7.70 0.84
N PHE A 38 -3.39 -8.48 1.89
CA PHE A 38 -3.78 -8.08 3.24
C PHE A 38 -2.94 -6.92 3.73
N ILE A 39 -3.33 -5.72 3.33
CA ILE A 39 -2.60 -4.52 3.66
C ILE A 39 -3.55 -3.41 4.07
N GLU A 40 -3.07 -2.52 4.93
CA GLU A 40 -3.88 -1.43 5.41
C GLU A 40 -3.33 -0.09 4.93
N GLU A 41 -4.20 0.71 4.35
CA GLU A 41 -3.83 2.02 3.84
C GLU A 41 -3.75 2.99 5.02
N LEU A 42 -2.54 3.42 5.32
CA LEU A 42 -2.27 4.20 6.54
C LEU A 42 -2.69 5.65 6.37
ZN ZN B . 3.17 -8.96 3.03
N GLY A 1 -10.41 22.96 -6.67
CA GLY A 1 -9.91 21.59 -6.47
C GLY A 1 -8.66 21.31 -7.30
N SER A 2 -8.43 20.04 -7.61
CA SER A 2 -7.28 19.63 -8.40
C SER A 2 -5.96 20.06 -7.73
N MET A 3 -6.00 20.15 -6.40
CA MET A 3 -4.81 20.47 -5.64
C MET A 3 -4.14 19.18 -5.21
N ALA A 4 -4.86 18.37 -4.45
CA ALA A 4 -4.39 17.05 -4.07
C ALA A 4 -4.80 16.04 -5.13
N GLU A 5 -5.87 16.38 -5.85
CA GLU A 5 -6.40 15.58 -6.94
C GLU A 5 -6.82 14.19 -6.44
N ALA A 6 -7.51 14.18 -5.30
CA ALA A 6 -7.98 12.96 -4.66
C ALA A 6 -6.83 12.05 -4.28
N SER A 7 -7.14 10.89 -3.72
CA SER A 7 -6.12 9.92 -3.38
C SER A 7 -6.70 8.52 -3.36
N PRO A 8 -6.65 7.82 -4.50
CA PRO A 8 -7.07 6.41 -4.59
C PRO A 8 -6.01 5.51 -3.95
N HIS A 9 -4.84 6.09 -3.72
CA HIS A 9 -3.71 5.40 -3.11
C HIS A 9 -2.62 6.41 -2.76
N PRO A 10 -2.15 6.41 -1.51
CA PRO A 10 -1.10 7.31 -1.07
C PRO A 10 0.28 6.70 -1.29
N GLY A 11 0.55 5.60 -0.60
CA GLY A 11 1.79 4.88 -0.79
C GLY A 11 2.09 4.04 0.42
N ARG A 12 1.84 4.63 1.57
CA ARG A 12 2.02 3.96 2.85
C ARG A 12 0.92 2.92 3.08
N TYR A 13 1.32 1.67 3.16
CA TYR A 13 0.43 0.59 3.55
C TYR A 13 1.06 -0.24 4.63
N PHE A 14 0.26 -1.04 5.29
CA PHE A 14 0.75 -1.93 6.31
C PHE A 14 0.23 -3.34 6.08
N CYS A 15 1.11 -4.25 5.73
CA CYS A 15 0.73 -5.62 5.42
C CYS A 15 0.46 -6.40 6.68
N HIS A 16 -0.63 -7.16 6.68
CA HIS A 16 -1.01 -7.95 7.84
C HIS A 16 -0.34 -9.32 7.82
N CYS A 17 0.22 -9.69 6.69
CA CYS A 17 0.96 -10.93 6.57
C CYS A 17 2.40 -10.75 7.01
N CYS A 18 2.95 -9.58 6.68
CA CYS A 18 4.33 -9.26 7.02
C CYS A 18 4.41 -8.44 8.30
N SER A 19 3.27 -7.85 8.66
CA SER A 19 3.16 -6.90 9.78
C SER A 19 4.21 -5.79 9.69
N VAL A 20 4.39 -5.27 8.47
CA VAL A 20 5.35 -4.20 8.22
C VAL A 20 4.76 -3.18 7.27
N GLU A 21 5.38 -2.02 7.23
CA GLU A 21 4.93 -0.92 6.39
C GLU A 21 5.49 -1.08 4.97
N ILE A 22 4.60 -1.07 4.00
CA ILE A 22 4.96 -1.37 2.62
C ILE A 22 4.41 -0.34 1.66
N VAL A 23 4.89 -0.41 0.43
CA VAL A 23 4.29 0.32 -0.68
C VAL A 23 3.80 -0.69 -1.71
N PRO A 24 2.47 -0.82 -1.86
CA PRO A 24 1.85 -1.87 -2.69
C PRO A 24 2.24 -1.80 -4.14
N ARG A 25 2.35 -2.96 -4.77
CA ARG A 25 2.50 -3.04 -6.21
C ARG A 25 1.19 -2.60 -6.83
N LEU A 26 1.15 -1.36 -7.27
CA LEU A 26 -0.09 -0.66 -7.58
C LEU A 26 -1.01 -1.40 -8.57
N PRO A 27 -0.48 -1.92 -9.70
CA PRO A 27 -1.29 -2.65 -10.69
C PRO A 27 -2.05 -3.84 -10.08
N ASP A 28 -1.53 -4.39 -8.99
CA ASP A 28 -2.15 -5.55 -8.37
C ASP A 28 -2.67 -5.24 -6.97
N TYR A 29 -2.24 -4.10 -6.43
CA TYR A 29 -2.60 -3.66 -5.08
C TYR A 29 -2.24 -4.69 -4.02
N ILE A 30 -1.09 -5.33 -4.20
CA ILE A 30 -0.66 -6.36 -3.27
C ILE A 30 0.61 -5.95 -2.53
N CYS A 31 1.17 -6.89 -1.81
CA CYS A 31 2.38 -6.67 -1.03
C CYS A 31 3.59 -6.92 -1.90
N PRO A 32 4.65 -6.11 -1.75
CA PRO A 32 5.88 -6.28 -2.52
C PRO A 32 6.72 -7.39 -1.91
N ARG A 33 6.34 -7.79 -0.71
CA ARG A 33 7.06 -8.82 0.02
C ARG A 33 6.40 -10.18 -0.14
N CYS A 34 5.09 -10.26 0.07
CA CYS A 34 4.43 -11.57 0.09
C CYS A 34 3.32 -11.69 -0.97
N GLU A 35 3.03 -10.58 -1.66
CA GLU A 35 2.01 -10.56 -2.72
C GLU A 35 0.65 -11.06 -2.22
N SER A 36 0.32 -10.67 -0.99
CA SER A 36 -0.89 -11.17 -0.35
C SER A 36 -2.10 -10.30 -0.68
N GLY A 37 -2.01 -9.01 -0.35
CA GLY A 37 -3.12 -8.13 -0.56
C GLY A 37 -3.69 -7.61 0.74
N PHE A 38 -3.48 -8.39 1.81
CA PHE A 38 -3.88 -7.99 3.15
C PHE A 38 -3.03 -6.82 3.64
N ILE A 39 -3.40 -5.63 3.24
CA ILE A 39 -2.66 -4.43 3.59
C ILE A 39 -3.59 -3.32 4.03
N GLU A 40 -3.10 -2.45 4.88
CA GLU A 40 -3.89 -1.34 5.39
C GLU A 40 -3.36 -0.02 4.88
N GLU A 41 -4.24 0.79 4.31
CA GLU A 41 -3.90 2.11 3.84
C GLU A 41 -3.89 3.05 5.04
N LEU A 42 -2.69 3.45 5.45
CA LEU A 42 -2.48 4.13 6.73
C LEU A 42 -2.99 5.56 6.72
ZN ZN B . 3.23 -8.93 3.04
N GLY A 1 5.98 19.74 -12.94
CA GLY A 1 7.07 19.50 -11.95
C GLY A 1 6.60 19.64 -10.52
N SER A 2 6.25 20.86 -10.12
CA SER A 2 5.84 21.13 -8.75
C SER A 2 4.40 20.69 -8.52
N MET A 3 4.20 19.89 -7.47
CA MET A 3 2.88 19.40 -7.08
C MET A 3 2.23 18.60 -8.21
N ALA A 4 2.71 17.39 -8.40
CA ALA A 4 2.14 16.48 -9.40
C ALA A 4 1.32 15.40 -8.71
N GLU A 5 0.91 15.70 -7.47
CA GLU A 5 0.13 14.78 -6.66
C GLU A 5 0.86 13.46 -6.45
N ALA A 6 2.16 13.55 -6.26
CA ALA A 6 2.99 12.38 -6.00
C ALA A 6 2.96 12.02 -4.53
N SER A 7 2.38 12.90 -3.72
CA SER A 7 2.23 12.64 -2.29
C SER A 7 0.79 12.20 -1.94
N PRO A 8 -0.27 12.93 -2.39
CA PRO A 8 -1.65 12.58 -2.09
C PRO A 8 -2.13 11.36 -2.86
N HIS A 9 -1.86 10.19 -2.33
CA HIS A 9 -2.29 8.91 -2.91
C HIS A 9 -1.90 7.79 -1.96
N PRO A 10 -2.57 6.63 -2.05
CA PRO A 10 -2.17 5.45 -1.28
C PRO A 10 -0.76 5.01 -1.64
N GLY A 11 0.12 5.00 -0.66
CA GLY A 11 1.50 4.63 -0.91
C GLY A 11 2.11 3.94 0.29
N ARG A 12 1.79 4.46 1.47
CA ARG A 12 2.21 3.85 2.71
C ARG A 12 1.15 2.87 3.20
N TYR A 13 1.41 1.59 3.05
CA TYR A 13 0.49 0.56 3.48
C TYR A 13 1.10 -0.26 4.59
N PHE A 14 0.28 -1.06 5.23
CA PHE A 14 0.75 -1.95 6.26
C PHE A 14 0.24 -3.37 6.01
N CYS A 15 1.15 -4.28 5.72
CA CYS A 15 0.77 -5.65 5.42
C CYS A 15 0.47 -6.43 6.69
N HIS A 16 -0.66 -7.13 6.68
CA HIS A 16 -1.09 -7.92 7.84
C HIS A 16 -0.31 -9.21 7.96
N CYS A 17 0.27 -9.66 6.85
CA CYS A 17 1.04 -10.89 6.86
C CYS A 17 2.48 -10.62 7.31
N CYS A 18 3.07 -9.56 6.76
CA CYS A 18 4.45 -9.21 7.08
C CYS A 18 4.52 -8.35 8.34
N SER A 19 3.37 -7.77 8.68
CA SER A 19 3.24 -6.81 9.79
C SER A 19 4.28 -5.71 9.70
N VAL A 20 4.42 -5.16 8.49
CA VAL A 20 5.38 -4.08 8.23
C VAL A 20 4.77 -3.06 7.29
N GLU A 21 5.40 -1.91 7.22
CA GLU A 21 4.95 -0.82 6.37
C GLU A 21 5.51 -1.02 4.97
N ILE A 22 4.65 -1.01 3.97
CA ILE A 22 5.05 -1.32 2.60
C ILE A 22 4.52 -0.30 1.62
N VAL A 23 5.07 -0.36 0.41
CA VAL A 23 4.54 0.37 -0.71
C VAL A 23 4.08 -0.62 -1.78
N PRO A 24 2.76 -0.80 -1.91
CA PRO A 24 2.15 -1.87 -2.72
C PRO A 24 2.42 -1.74 -4.21
N ARG A 25 2.33 -2.87 -4.88
CA ARG A 25 2.32 -2.89 -6.33
C ARG A 25 0.93 -2.46 -6.77
N LEU A 26 0.83 -1.19 -7.17
CA LEU A 26 -0.45 -0.52 -7.34
C LEU A 26 -1.44 -1.26 -8.27
N PRO A 27 -1.03 -1.75 -9.45
CA PRO A 27 -1.94 -2.46 -10.37
C PRO A 27 -2.67 -3.63 -9.72
N ASP A 28 -2.01 -4.33 -8.79
CA ASP A 28 -2.61 -5.48 -8.13
C ASP A 28 -2.95 -5.17 -6.67
N TYR A 29 -2.44 -4.04 -6.19
CA TYR A 29 -2.62 -3.60 -4.81
C TYR A 29 -2.17 -4.67 -3.81
N ILE A 30 -1.05 -5.32 -4.10
CA ILE A 30 -0.56 -6.37 -3.23
C ILE A 30 0.73 -5.95 -2.53
N CYS A 31 1.29 -6.89 -1.79
CA CYS A 31 2.49 -6.67 -1.00
C CYS A 31 3.71 -6.93 -1.86
N PRO A 32 4.77 -6.12 -1.72
CA PRO A 32 5.99 -6.31 -2.48
C PRO A 32 6.85 -7.39 -1.84
N ARG A 33 6.44 -7.77 -0.63
CA ARG A 33 7.16 -8.76 0.14
C ARG A 33 6.53 -10.15 0.00
N CYS A 34 5.21 -10.24 0.15
CA CYS A 34 4.57 -11.56 0.15
C CYS A 34 3.46 -11.67 -0.91
N GLU A 35 3.18 -10.56 -1.59
CA GLU A 35 2.17 -10.53 -2.67
C GLU A 35 0.81 -11.03 -2.18
N SER A 36 0.44 -10.62 -0.98
CA SER A 36 -0.76 -11.12 -0.32
C SER A 36 -1.99 -10.31 -0.69
N GLY A 37 -1.95 -9.01 -0.43
CA GLY A 37 -3.10 -8.17 -0.65
C GLY A 37 -3.68 -7.69 0.66
N PHE A 38 -3.42 -8.43 1.73
CA PHE A 38 -3.85 -8.06 3.07
C PHE A 38 -3.03 -6.89 3.59
N ILE A 39 -3.38 -5.69 3.16
CA ILE A 39 -2.64 -4.50 3.54
C ILE A 39 -3.60 -3.38 3.94
N GLU A 40 -3.12 -2.49 4.78
CA GLU A 40 -3.91 -1.37 5.26
C GLU A 40 -3.38 -0.05 4.75
N GLU A 41 -4.26 0.72 4.14
CA GLU A 41 -3.91 2.03 3.60
C GLU A 41 -3.82 3.04 4.75
N LEU A 42 -2.60 3.35 5.15
CA LEU A 42 -2.33 4.18 6.30
C LEU A 42 -2.60 5.65 5.99
ZN ZN B . 3.33 -8.96 3.08
N GLY A 1 -11.39 10.87 3.06
CA GLY A 1 -11.74 10.10 1.85
C GLY A 1 -10.58 10.01 0.88
N SER A 2 -10.42 8.84 0.26
CA SER A 2 -9.32 8.61 -0.66
C SER A 2 -9.45 9.49 -1.91
N MET A 3 -10.63 9.48 -2.51
CA MET A 3 -10.88 10.27 -3.71
C MET A 3 -11.86 11.39 -3.42
N ALA A 4 -11.34 12.50 -2.89
CA ALA A 4 -12.17 13.65 -2.56
C ALA A 4 -11.33 14.92 -2.48
N GLU A 5 -10.68 15.26 -3.59
CA GLU A 5 -9.80 16.43 -3.69
C GLU A 5 -8.49 16.19 -2.94
N ALA A 6 -8.59 16.02 -1.63
CA ALA A 6 -7.44 15.75 -0.80
C ALA A 6 -7.06 14.27 -0.89
N SER A 7 -6.07 13.87 -0.10
CA SER A 7 -5.57 12.50 -0.10
C SER A 7 -4.95 12.15 -1.45
N PRO A 8 -3.62 12.33 -1.58
CA PRO A 8 -2.91 12.06 -2.82
C PRO A 8 -2.74 10.56 -3.09
N HIS A 9 -1.84 10.22 -4.00
CA HIS A 9 -1.58 8.83 -4.35
C HIS A 9 -1.21 8.01 -3.11
N PRO A 10 -1.90 6.87 -2.92
CA PRO A 10 -1.60 5.96 -1.80
C PRO A 10 -0.22 5.32 -1.94
N GLY A 11 0.50 5.21 -0.84
CA GLY A 11 1.84 4.66 -0.88
C GLY A 11 2.17 3.91 0.39
N ARG A 12 1.96 4.58 1.51
CA ARG A 12 2.19 3.98 2.81
C ARG A 12 1.07 2.99 3.16
N TYR A 13 1.38 1.71 3.10
CA TYR A 13 0.46 0.67 3.51
C TYR A 13 1.05 -0.16 4.60
N PHE A 14 0.23 -0.98 5.23
CA PHE A 14 0.70 -1.88 6.26
C PHE A 14 0.18 -3.28 6.00
N CYS A 15 1.08 -4.18 5.65
CA CYS A 15 0.69 -5.55 5.35
C CYS A 15 0.42 -6.32 6.63
N HIS A 16 -0.65 -7.11 6.63
CA HIS A 16 -1.01 -7.93 7.77
C HIS A 16 -0.25 -9.24 7.78
N CYS A 17 0.15 -9.69 6.59
CA CYS A 17 0.88 -10.94 6.46
C CYS A 17 2.33 -10.75 6.89
N CYS A 18 2.88 -9.59 6.56
CA CYS A 18 4.26 -9.27 6.93
C CYS A 18 4.31 -8.46 8.23
N SER A 19 3.15 -7.89 8.57
CA SER A 19 2.99 -6.96 9.71
C SER A 19 4.01 -5.83 9.66
N VAL A 20 4.26 -5.31 8.46
CA VAL A 20 5.19 -4.21 8.27
C VAL A 20 4.62 -3.19 7.28
N GLU A 21 5.23 -2.01 7.26
CA GLU A 21 4.81 -0.93 6.38
C GLU A 21 5.40 -1.14 4.99
N ILE A 22 4.57 -1.02 3.97
CA ILE A 22 4.96 -1.32 2.60
C ILE A 22 4.42 -0.29 1.61
N VAL A 23 4.94 -0.37 0.40
CA VAL A 23 4.38 0.37 -0.72
C VAL A 23 3.89 -0.65 -1.77
N PRO A 24 2.57 -0.78 -1.90
CA PRO A 24 1.96 -1.85 -2.71
C PRO A 24 2.25 -1.73 -4.19
N ARG A 25 2.32 -2.89 -4.84
CA ARG A 25 2.43 -2.94 -6.28
C ARG A 25 1.07 -2.65 -6.88
N LEU A 26 0.87 -1.41 -7.33
CA LEU A 26 -0.46 -0.87 -7.62
C LEU A 26 -1.27 -1.69 -8.63
N PRO A 27 -0.69 -2.17 -9.76
CA PRO A 27 -1.43 -2.96 -10.75
C PRO A 27 -2.16 -4.16 -10.14
N ASP A 28 -1.57 -4.76 -9.11
CA ASP A 28 -2.20 -5.88 -8.43
C ASP A 28 -2.73 -5.45 -7.06
N TYR A 29 -2.27 -4.29 -6.63
CA TYR A 29 -2.60 -3.71 -5.33
C TYR A 29 -2.22 -4.65 -4.19
N ILE A 30 -1.07 -5.31 -4.32
CA ILE A 30 -0.65 -6.29 -3.34
C ILE A 30 0.62 -5.86 -2.61
N CYS A 31 1.18 -6.80 -1.88
CA CYS A 31 2.37 -6.57 -1.08
C CYS A 31 3.60 -6.82 -1.93
N PRO A 32 4.66 -6.01 -1.75
CA PRO A 32 5.90 -6.18 -2.50
C PRO A 32 6.76 -7.27 -1.87
N ARG A 33 6.31 -7.75 -0.71
CA ARG A 33 7.02 -8.75 0.04
C ARG A 33 6.39 -10.13 -0.12
N CYS A 34 5.07 -10.20 0.06
CA CYS A 34 4.41 -11.52 0.06
C CYS A 34 3.33 -11.63 -1.02
N GLU A 35 3.03 -10.50 -1.68
CA GLU A 35 2.04 -10.48 -2.76
C GLU A 35 0.68 -11.00 -2.31
N SER A 36 0.32 -10.67 -1.09
CA SER A 36 -0.90 -11.18 -0.48
C SER A 36 -2.13 -10.32 -0.81
N GLY A 37 -2.06 -9.05 -0.47
CA GLY A 37 -3.19 -8.17 -0.67
C GLY A 37 -3.74 -7.69 0.66
N PHE A 38 -3.45 -8.44 1.72
CA PHE A 38 -3.82 -8.06 3.08
C PHE A 38 -2.99 -6.88 3.55
N ILE A 39 -3.40 -5.67 3.17
CA ILE A 39 -2.67 -4.46 3.53
C ILE A 39 -3.63 -3.37 3.97
N GLU A 40 -3.15 -2.48 4.83
CA GLU A 40 -3.95 -1.37 5.31
C GLU A 40 -3.39 -0.05 4.85
N GLU A 41 -4.25 0.77 4.26
CA GLU A 41 -3.86 2.07 3.77
C GLU A 41 -3.80 3.05 4.94
N LEU A 42 -2.60 3.55 5.22
CA LEU A 42 -2.37 4.38 6.39
C LEU A 42 -2.80 5.83 6.13
ZN ZN B . 3.19 -8.87 2.97
N GLY A 1 -15.23 11.11 0.24
CA GLY A 1 -13.84 11.46 -0.09
C GLY A 1 -13.59 12.95 -0.06
N SER A 2 -12.63 13.39 0.73
CA SER A 2 -12.32 14.80 0.85
C SER A 2 -10.89 15.09 0.41
N MET A 3 -10.72 15.38 -0.88
CA MET A 3 -9.42 15.69 -1.43
C MET A 3 -9.42 17.08 -2.04
N ALA A 4 -8.49 17.92 -1.64
CA ALA A 4 -8.40 19.28 -2.15
C ALA A 4 -6.95 19.69 -2.37
N GLU A 5 -6.11 18.73 -2.73
CA GLU A 5 -4.72 18.99 -2.99
C GLU A 5 -4.48 19.13 -4.50
N ALA A 6 -4.32 18.00 -5.17
CA ALA A 6 -4.14 17.98 -6.62
C ALA A 6 -4.49 16.60 -7.16
N SER A 7 -3.90 15.58 -6.55
CA SER A 7 -4.16 14.20 -6.92
C SER A 7 -3.51 13.26 -5.89
N PRO A 8 -4.10 13.16 -4.69
CA PRO A 8 -3.57 12.33 -3.61
C PRO A 8 -3.47 10.86 -4.02
N HIS A 9 -2.35 10.23 -3.68
CA HIS A 9 -2.12 8.85 -4.04
C HIS A 9 -1.62 8.05 -2.83
N PRO A 10 -2.29 6.94 -2.50
CA PRO A 10 -1.90 6.06 -1.40
C PRO A 10 -0.59 5.33 -1.70
N GLY A 11 0.29 5.29 -0.73
CA GLY A 11 1.57 4.64 -0.92
C GLY A 11 1.99 3.87 0.31
N ARG A 12 1.80 4.50 1.46
CA ARG A 12 2.11 3.88 2.73
C ARG A 12 1.00 2.90 3.13
N TYR A 13 1.33 1.63 3.13
CA TYR A 13 0.42 0.59 3.58
C TYR A 13 1.04 -0.22 4.69
N PHE A 14 0.23 -1.00 5.37
CA PHE A 14 0.71 -1.89 6.39
C PHE A 14 0.17 -3.29 6.17
N CYS A 15 1.05 -4.19 5.78
CA CYS A 15 0.64 -5.55 5.46
C CYS A 15 0.34 -6.35 6.72
N HIS A 16 -0.79 -7.04 6.72
CA HIS A 16 -1.19 -7.87 7.85
C HIS A 16 -0.49 -9.23 7.79
N CYS A 17 0.03 -9.55 6.62
CA CYS A 17 0.72 -10.81 6.40
C CYS A 17 2.19 -10.70 6.80
N CYS A 18 2.76 -9.52 6.64
CA CYS A 18 4.16 -9.27 6.99
C CYS A 18 4.27 -8.48 8.28
N SER A 19 3.15 -7.85 8.66
CA SER A 19 3.07 -6.93 9.80
C SER A 19 4.14 -5.83 9.71
N VAL A 20 4.36 -5.33 8.50
CA VAL A 20 5.31 -4.25 8.27
C VAL A 20 4.71 -3.20 7.35
N GLU A 21 5.33 -2.04 7.33
CA GLU A 21 4.89 -0.92 6.50
C GLU A 21 5.45 -1.08 5.10
N ILE A 22 4.58 -1.05 4.11
CA ILE A 22 4.96 -1.36 2.73
C ILE A 22 4.42 -0.33 1.75
N VAL A 23 4.93 -0.42 0.54
CA VAL A 23 4.38 0.28 -0.60
C VAL A 23 3.91 -0.75 -1.63
N PRO A 24 2.59 -0.91 -1.77
CA PRO A 24 1.98 -1.97 -2.58
C PRO A 24 2.31 -1.87 -4.06
N ARG A 25 2.32 -3.02 -4.71
CA ARG A 25 2.43 -3.07 -6.17
C ARG A 25 1.09 -2.66 -6.75
N LEU A 26 1.02 -1.41 -7.19
CA LEU A 26 -0.25 -0.75 -7.47
C LEU A 26 -1.14 -1.49 -8.49
N PRO A 27 -0.59 -1.97 -9.62
CA PRO A 27 -1.38 -2.72 -10.62
C PRO A 27 -2.11 -3.93 -10.02
N ASP A 28 -1.62 -4.45 -8.91
CA ASP A 28 -2.23 -5.61 -8.27
C ASP A 28 -2.79 -5.26 -6.89
N TYR A 29 -2.36 -4.13 -6.36
CA TYR A 29 -2.69 -3.71 -5.00
C TYR A 29 -2.26 -4.75 -3.98
N ILE A 30 -1.12 -5.39 -4.21
CA ILE A 30 -0.63 -6.41 -3.31
C ILE A 30 0.62 -5.95 -2.58
N CYS A 31 1.17 -6.87 -1.81
CA CYS A 31 2.34 -6.60 -1.01
C CYS A 31 3.59 -6.87 -1.82
N PRO A 32 4.62 -6.03 -1.67
CA PRO A 32 5.88 -6.21 -2.37
C PRO A 32 6.71 -7.31 -1.72
N ARG A 33 6.32 -7.68 -0.51
CA ARG A 33 7.04 -8.69 0.24
C ARG A 33 6.40 -10.07 0.09
N CYS A 34 5.06 -10.15 0.18
CA CYS A 34 4.41 -11.47 0.16
C CYS A 34 3.37 -11.60 -0.95
N GLU A 35 3.07 -10.47 -1.62
CA GLU A 35 2.15 -10.48 -2.77
C GLU A 35 0.76 -11.01 -2.39
N SER A 36 0.38 -10.76 -1.16
CA SER A 36 -0.85 -11.34 -0.62
C SER A 36 -2.05 -10.42 -0.86
N GLY A 37 -1.98 -9.19 -0.39
CA GLY A 37 -3.06 -8.26 -0.60
C GLY A 37 -3.65 -7.76 0.70
N PHE A 38 -3.44 -8.51 1.78
CA PHE A 38 -3.90 -8.09 3.10
C PHE A 38 -3.05 -6.94 3.62
N ILE A 39 -3.45 -5.72 3.28
CA ILE A 39 -2.70 -4.53 3.64
C ILE A 39 -3.63 -3.41 4.11
N GLU A 40 -3.10 -2.50 4.91
CA GLU A 40 -3.87 -1.37 5.41
C GLU A 40 -3.34 -0.07 4.85
N GLU A 41 -4.21 0.68 4.21
CA GLU A 41 -3.87 2.00 3.72
C GLU A 41 -3.79 2.95 4.91
N LEU A 42 -2.59 3.42 5.20
CA LEU A 42 -2.35 4.20 6.40
C LEU A 42 -2.73 5.66 6.22
ZN ZN B . 3.12 -8.87 3.05
N GLY A 1 -3.70 20.14 7.37
CA GLY A 1 -2.33 20.32 6.82
C GLY A 1 -1.73 19.00 6.36
N SER A 2 -0.43 19.00 6.12
CA SER A 2 0.26 17.80 5.66
C SER A 2 1.46 17.52 6.55
N MET A 3 1.30 16.59 7.48
CA MET A 3 2.37 16.21 8.39
C MET A 3 3.23 15.11 7.80
N ALA A 4 2.94 14.75 6.56
CA ALA A 4 3.70 13.76 5.81
C ALA A 4 3.23 13.74 4.38
N GLU A 5 1.96 13.38 4.19
CA GLU A 5 1.35 13.32 2.87
C GLU A 5 -0.16 13.12 3.03
N ALA A 6 -0.63 11.88 2.88
CA ALA A 6 -2.02 11.51 3.12
C ALA A 6 -3.01 12.47 2.46
N SER A 7 -2.97 12.55 1.13
CA SER A 7 -3.92 13.38 0.38
C SER A 7 -3.79 13.16 -1.13
N PRO A 8 -2.60 13.40 -1.73
CA PRO A 8 -2.42 13.29 -3.19
C PRO A 8 -2.68 11.87 -3.71
N HIS A 9 -2.29 10.87 -2.91
CA HIS A 9 -2.42 9.48 -3.32
C HIS A 9 -2.08 8.56 -2.15
N PRO A 10 -2.67 7.36 -2.12
CA PRO A 10 -2.32 6.34 -1.16
C PRO A 10 -1.04 5.62 -1.57
N GLY A 11 -0.14 5.41 -0.62
CA GLY A 11 1.14 4.81 -0.94
C GLY A 11 1.74 4.10 0.25
N ARG A 12 1.50 4.65 1.43
CA ARG A 12 1.94 4.03 2.67
C ARG A 12 0.91 3.01 3.13
N TYR A 13 1.29 1.74 3.10
CA TYR A 13 0.41 0.69 3.54
C TYR A 13 1.07 -0.13 4.64
N PHE A 14 0.27 -0.94 5.29
CA PHE A 14 0.78 -1.84 6.31
C PHE A 14 0.27 -3.25 6.05
N CYS A 15 1.17 -4.13 5.69
CA CYS A 15 0.80 -5.50 5.39
C CYS A 15 0.59 -6.30 6.67
N HIS A 16 -0.51 -7.03 6.73
CA HIS A 16 -0.83 -7.87 7.88
C HIS A 16 -0.05 -9.18 7.82
N CYS A 17 0.27 -9.60 6.61
CA CYS A 17 1.01 -10.83 6.40
C CYS A 17 2.48 -10.66 6.79
N CYS A 18 3.00 -9.46 6.59
CA CYS A 18 4.40 -9.17 6.92
C CYS A 18 4.50 -8.37 8.23
N SER A 19 3.37 -7.80 8.62
CA SER A 19 3.26 -6.86 9.74
C SER A 19 4.30 -5.75 9.66
N VAL A 20 4.47 -5.21 8.45
CA VAL A 20 5.40 -4.11 8.22
C VAL A 20 4.79 -3.09 7.27
N GLU A 21 5.38 -1.91 7.26
CA GLU A 21 4.90 -0.82 6.41
C GLU A 21 5.45 -1.01 5.01
N ILE A 22 4.58 -0.99 4.01
CA ILE A 22 4.95 -1.32 2.65
C ILE A 22 4.41 -0.29 1.66
N VAL A 23 4.93 -0.38 0.45
CA VAL A 23 4.37 0.33 -0.68
C VAL A 23 3.85 -0.69 -1.69
N PRO A 24 2.52 -0.82 -1.80
CA PRO A 24 1.88 -1.87 -2.60
C PRO A 24 2.24 -1.80 -4.07
N ARG A 25 2.32 -2.96 -4.70
CA ARG A 25 2.46 -3.02 -6.13
C ARG A 25 1.13 -2.66 -6.75
N LEU A 26 1.02 -1.42 -7.20
CA LEU A 26 -0.25 -0.83 -7.60
C LEU A 26 -0.99 -1.63 -8.68
N PRO A 27 -0.29 -2.16 -9.71
CA PRO A 27 -0.92 -3.03 -10.73
C PRO A 27 -1.81 -4.12 -10.15
N ASP A 28 -1.50 -4.58 -8.94
CA ASP A 28 -2.27 -5.65 -8.31
C ASP A 28 -2.77 -5.27 -6.93
N TYR A 29 -2.34 -4.09 -6.47
CA TYR A 29 -2.65 -3.59 -5.13
C TYR A 29 -2.27 -4.61 -4.06
N ILE A 30 -1.14 -5.27 -4.24
CA ILE A 30 -0.71 -6.28 -3.29
C ILE A 30 0.56 -5.86 -2.56
N CYS A 31 1.14 -6.80 -1.85
CA CYS A 31 2.34 -6.55 -1.07
C CYS A 31 3.56 -6.75 -1.95
N PRO A 32 4.60 -5.92 -1.79
CA PRO A 32 5.81 -6.06 -2.58
C PRO A 32 6.69 -7.17 -2.04
N ARG A 33 6.29 -7.67 -0.88
CA ARG A 33 7.03 -8.73 -0.21
C ARG A 33 6.35 -10.07 -0.42
N CYS A 34 5.09 -10.18 -0.01
CA CYS A 34 4.43 -11.48 0.02
C CYS A 34 3.32 -11.58 -1.03
N GLU A 35 3.04 -10.46 -1.70
CA GLU A 35 2.06 -10.40 -2.79
C GLU A 35 0.69 -10.90 -2.34
N SER A 36 0.33 -10.62 -1.10
CA SER A 36 -0.91 -11.14 -0.54
C SER A 36 -2.09 -10.20 -0.77
N GLY A 37 -1.97 -8.96 -0.30
CA GLY A 37 -3.05 -8.02 -0.47
C GLY A 37 -3.65 -7.60 0.85
N PHE A 38 -3.36 -8.37 1.90
CA PHE A 38 -3.78 -8.03 3.25
C PHE A 38 -3.00 -6.82 3.77
N ILE A 39 -3.40 -5.65 3.31
CA ILE A 39 -2.68 -4.43 3.65
C ILE A 39 -3.64 -3.34 4.09
N GLU A 40 -3.13 -2.42 4.91
CA GLU A 40 -3.91 -1.32 5.42
C GLU A 40 -3.40 0.00 4.87
N GLU A 41 -4.28 0.77 4.27
CA GLU A 41 -3.95 2.10 3.77
C GLU A 41 -3.89 3.06 4.95
N LEU A 42 -2.69 3.46 5.32
CA LEU A 42 -2.47 4.21 6.54
C LEU A 42 -2.86 5.68 6.40
ZN ZN B . 3.28 -8.82 2.97
N GLY A 1 -5.82 10.69 1.15
CA GLY A 1 -7.23 10.90 0.73
C GLY A 1 -8.09 9.69 1.00
N SER A 2 -9.13 9.51 0.20
CA SER A 2 -10.03 8.38 0.37
C SER A 2 -10.09 7.52 -0.89
N MET A 3 -9.42 7.99 -1.94
CA MET A 3 -9.44 7.28 -3.21
C MET A 3 -8.06 7.29 -3.85
N ALA A 4 -7.89 6.47 -4.88
CA ALA A 4 -6.65 6.42 -5.63
C ALA A 4 -6.91 6.78 -7.08
N GLU A 5 -7.97 7.55 -7.31
CA GLU A 5 -8.39 7.91 -8.64
C GLU A 5 -8.07 9.36 -8.95
N ALA A 6 -8.07 9.71 -10.23
CA ALA A 6 -7.77 11.06 -10.71
C ALA A 6 -6.32 11.44 -10.42
N SER A 7 -6.04 11.88 -9.20
CA SER A 7 -4.72 12.34 -8.83
C SER A 7 -4.25 11.75 -7.50
N PRO A 8 -5.00 11.96 -6.38
CA PRO A 8 -4.64 11.40 -5.07
C PRO A 8 -4.39 9.90 -5.13
N HIS A 9 -3.29 9.47 -4.54
CA HIS A 9 -2.94 8.06 -4.53
C HIS A 9 -2.18 7.72 -3.26
N PRO A 10 -2.56 6.63 -2.60
CA PRO A 10 -1.91 6.20 -1.36
C PRO A 10 -0.63 5.41 -1.64
N GLY A 11 0.23 5.31 -0.63
CA GLY A 11 1.50 4.65 -0.82
C GLY A 11 1.93 3.92 0.43
N ARG A 12 1.78 4.58 1.56
CA ARG A 12 2.09 3.96 2.85
C ARG A 12 1.02 2.96 3.23
N TYR A 13 1.35 1.69 3.12
CA TYR A 13 0.44 0.63 3.51
C TYR A 13 1.06 -0.21 4.61
N PHE A 14 0.23 -0.97 5.28
CA PHE A 14 0.71 -1.85 6.31
C PHE A 14 0.19 -3.26 6.07
N CYS A 15 1.08 -4.16 5.71
CA CYS A 15 0.71 -5.51 5.38
C CYS A 15 0.41 -6.31 6.64
N HIS A 16 -0.71 -7.02 6.65
CA HIS A 16 -1.08 -7.87 7.76
C HIS A 16 -0.34 -9.21 7.70
N CYS A 17 0.10 -9.56 6.50
CA CYS A 17 0.80 -10.82 6.28
C CYS A 17 2.27 -10.71 6.69
N CYS A 18 2.81 -9.50 6.58
CA CYS A 18 4.20 -9.24 6.95
C CYS A 18 4.29 -8.43 8.25
N SER A 19 3.16 -7.82 8.62
CA SER A 19 3.06 -6.87 9.73
C SER A 19 4.11 -5.77 9.64
N VAL A 20 4.30 -5.24 8.44
CA VAL A 20 5.26 -4.16 8.21
C VAL A 20 4.68 -3.14 7.24
N GLU A 21 5.30 -1.98 7.21
CA GLU A 21 4.85 -0.90 6.34
C GLU A 21 5.45 -1.07 4.94
N ILE A 22 4.60 -0.98 3.92
CA ILE A 22 5.00 -1.27 2.54
C ILE A 22 4.46 -0.23 1.57
N VAL A 23 4.99 -0.27 0.36
CA VAL A 23 4.43 0.43 -0.77
C VAL A 23 3.95 -0.61 -1.80
N PRO A 24 2.62 -0.77 -1.95
CA PRO A 24 2.04 -1.85 -2.74
C PRO A 24 2.32 -1.74 -4.23
N ARG A 25 2.30 -2.88 -4.91
CA ARG A 25 2.36 -2.91 -6.34
C ARG A 25 0.97 -2.60 -6.87
N LEU A 26 0.76 -1.36 -7.27
CA LEU A 26 -0.57 -0.83 -7.55
C LEU A 26 -1.38 -1.65 -8.56
N PRO A 27 -0.77 -2.14 -9.67
CA PRO A 27 -1.47 -3.00 -10.65
C PRO A 27 -2.31 -4.10 -9.98
N ASP A 28 -1.71 -4.83 -9.06
CA ASP A 28 -2.39 -5.91 -8.36
C ASP A 28 -2.84 -5.46 -6.97
N TYR A 29 -2.30 -4.33 -6.55
CA TYR A 29 -2.55 -3.76 -5.23
C TYR A 29 -2.09 -4.73 -4.14
N ILE A 30 -0.99 -5.43 -4.39
CA ILE A 30 -0.50 -6.43 -3.45
C ILE A 30 0.74 -5.96 -2.71
N CYS A 31 1.29 -6.86 -1.93
CA CYS A 31 2.47 -6.60 -1.13
C CYS A 31 3.71 -6.89 -1.96
N PRO A 32 4.77 -6.09 -1.80
CA PRO A 32 6.01 -6.29 -2.54
C PRO A 32 6.84 -7.39 -1.90
N ARG A 33 6.38 -7.83 -0.74
CA ARG A 33 7.08 -8.84 0.03
C ARG A 33 6.42 -10.20 -0.14
N CYS A 34 5.12 -10.29 0.19
CA CYS A 34 4.45 -11.58 0.19
C CYS A 34 3.43 -11.69 -0.94
N GLU A 35 3.19 -10.56 -1.63
CA GLU A 35 2.30 -10.51 -2.79
C GLU A 35 0.90 -11.01 -2.47
N SER A 36 0.45 -10.73 -1.25
CA SER A 36 -0.82 -11.25 -0.77
C SER A 36 -1.98 -10.29 -1.03
N GLY A 37 -1.87 -9.07 -0.51
CA GLY A 37 -2.93 -8.11 -0.71
C GLY A 37 -3.52 -7.64 0.60
N PHE A 38 -3.31 -8.42 1.66
CA PHE A 38 -3.73 -8.02 3.00
C PHE A 38 -2.90 -6.85 3.50
N ILE A 39 -3.32 -5.64 3.16
CA ILE A 39 -2.61 -4.43 3.54
C ILE A 39 -3.58 -3.33 3.96
N GLU A 40 -3.12 -2.46 4.84
CA GLU A 40 -3.94 -1.36 5.32
C GLU A 40 -3.39 -0.02 4.87
N GLU A 41 -4.24 0.79 4.28
CA GLU A 41 -3.88 2.12 3.83
C GLU A 41 -3.83 3.06 5.03
N LEU A 42 -2.64 3.56 5.31
CA LEU A 42 -2.40 4.34 6.52
C LEU A 42 -2.76 5.80 6.34
ZN ZN B . 3.19 -8.84 2.98
N GLY A 1 -3.15 19.55 0.32
CA GLY A 1 -2.26 20.72 0.13
C GLY A 1 -2.03 21.01 -1.34
N SER A 2 -1.88 22.29 -1.67
CA SER A 2 -1.66 22.71 -3.05
C SER A 2 -0.30 22.22 -3.55
N MET A 3 -0.29 21.76 -4.79
CA MET A 3 0.92 21.22 -5.44
C MET A 3 1.35 19.91 -4.79
N ALA A 4 0.51 19.39 -3.91
CA ALA A 4 0.81 18.14 -3.23
C ALA A 4 -0.26 17.09 -3.49
N GLU A 5 -1.43 17.55 -3.95
CA GLU A 5 -2.55 16.66 -4.18
C GLU A 5 -2.43 15.97 -5.54
N ALA A 6 -1.46 15.09 -5.65
CA ALA A 6 -1.28 14.30 -6.87
C ALA A 6 -1.33 12.81 -6.52
N SER A 7 -1.89 12.51 -5.36
CA SER A 7 -1.95 11.16 -4.89
C SER A 7 -3.36 10.80 -4.41
N PRO A 8 -4.16 10.15 -5.28
CA PRO A 8 -5.44 9.57 -4.88
C PRO A 8 -5.21 8.40 -3.92
N HIS A 9 -4.06 7.77 -4.12
CA HIS A 9 -3.57 6.74 -3.22
C HIS A 9 -2.18 7.15 -2.75
N PRO A 10 -1.91 7.06 -1.44
CA PRO A 10 -0.65 7.54 -0.87
C PRO A 10 0.52 6.61 -1.15
N GLY A 11 0.53 5.46 -0.51
CA GLY A 11 1.59 4.49 -0.74
C GLY A 11 1.96 3.77 0.53
N ARG A 12 1.86 4.49 1.64
CA ARG A 12 2.10 3.93 2.95
C ARG A 12 1.02 2.93 3.32
N TYR A 13 1.36 1.66 3.28
CA TYR A 13 0.46 0.60 3.66
C TYR A 13 1.06 -0.26 4.74
N PHE A 14 0.24 -1.06 5.39
CA PHE A 14 0.71 -1.96 6.40
C PHE A 14 0.18 -3.36 6.13
N CYS A 15 1.09 -4.26 5.77
CA CYS A 15 0.71 -5.62 5.43
C CYS A 15 0.41 -6.42 6.68
N HIS A 16 -0.73 -7.11 6.68
CA HIS A 16 -1.14 -7.93 7.81
C HIS A 16 -0.28 -9.18 7.93
N CYS A 17 0.21 -9.66 6.80
CA CYS A 17 1.06 -10.85 6.76
C CYS A 17 2.46 -10.55 7.28
N CYS A 18 3.05 -9.50 6.72
CA CYS A 18 4.42 -9.15 7.05
C CYS A 18 4.49 -8.33 8.34
N SER A 19 3.36 -7.76 8.70
CA SER A 19 3.22 -6.83 9.84
C SER A 19 4.24 -5.70 9.76
N VAL A 20 4.45 -5.21 8.55
CA VAL A 20 5.38 -4.11 8.30
C VAL A 20 4.75 -3.10 7.35
N GLU A 21 5.35 -1.92 7.30
CA GLU A 21 4.88 -0.86 6.44
C GLU A 21 5.46 -1.06 5.04
N ILE A 22 4.60 -1.03 4.03
CA ILE A 22 4.97 -1.34 2.67
C ILE A 22 4.42 -0.32 1.69
N VAL A 23 4.92 -0.37 0.48
CA VAL A 23 4.34 0.35 -0.65
C VAL A 23 3.84 -0.67 -1.67
N PRO A 24 2.52 -0.81 -1.81
CA PRO A 24 1.89 -1.86 -2.63
C PRO A 24 2.24 -1.77 -4.11
N ARG A 25 2.27 -2.92 -4.75
CA ARG A 25 2.38 -2.98 -6.19
C ARG A 25 1.04 -2.59 -6.77
N LEU A 26 0.95 -1.35 -7.21
CA LEU A 26 -0.33 -0.71 -7.54
C LEU A 26 -1.19 -1.48 -8.54
N PRO A 27 -0.63 -2.01 -9.65
CA PRO A 27 -1.40 -2.78 -10.63
C PRO A 27 -2.21 -3.93 -10.01
N ASP A 28 -1.73 -4.48 -8.90
CA ASP A 28 -2.41 -5.59 -8.25
C ASP A 28 -2.87 -5.24 -6.84
N TYR A 29 -2.36 -4.13 -6.33
CA TYR A 29 -2.64 -3.68 -4.95
C TYR A 29 -2.23 -4.74 -3.94
N ILE A 30 -1.10 -5.39 -4.18
CA ILE A 30 -0.60 -6.41 -3.27
C ILE A 30 0.65 -5.97 -2.54
N CYS A 31 1.23 -6.89 -1.80
CA CYS A 31 2.42 -6.64 -1.01
C CYS A 31 3.65 -6.87 -1.86
N PRO A 32 4.68 -6.02 -1.72
CA PRO A 32 5.91 -6.17 -2.49
C PRO A 32 6.75 -7.30 -1.92
N ARG A 33 6.44 -7.68 -0.69
CA ARG A 33 7.15 -8.75 -0.01
C ARG A 33 6.47 -10.09 -0.24
N CYS A 34 5.21 -10.22 0.17
CA CYS A 34 4.55 -11.52 0.18
C CYS A 34 3.46 -11.64 -0.88
N GLU A 35 3.16 -10.52 -1.55
CA GLU A 35 2.17 -10.49 -2.65
C GLU A 35 0.81 -11.00 -2.20
N SER A 36 0.41 -10.63 -1.00
CA SER A 36 -0.82 -11.14 -0.41
C SER A 36 -2.04 -10.29 -0.78
N GLY A 37 -1.99 -9.01 -0.45
CA GLY A 37 -3.11 -8.14 -0.69
C GLY A 37 -3.71 -7.63 0.61
N PHE A 38 -3.53 -8.40 1.67
CA PHE A 38 -3.98 -7.99 3.00
C PHE A 38 -3.11 -6.87 3.55
N ILE A 39 -3.45 -5.64 3.17
CA ILE A 39 -2.69 -4.47 3.54
C ILE A 39 -3.61 -3.35 3.99
N GLU A 40 -3.11 -2.49 4.85
CA GLU A 40 -3.89 -1.39 5.40
C GLU A 40 -3.33 -0.05 4.93
N GLU A 41 -4.20 0.78 4.38
CA GLU A 41 -3.79 2.10 3.92
C GLU A 41 -3.78 3.06 5.10
N LEU A 42 -2.59 3.52 5.45
CA LEU A 42 -2.38 4.30 6.68
C LEU A 42 -2.81 5.75 6.48
ZN ZN B . 3.30 -8.88 3.08
#